data_4O1B
#
_entry.id   4O1B
#
_cell.length_a   60.579
_cell.length_b   106.311
_cell.length_c   83.251
_cell.angle_alpha   90.00
_cell.angle_beta   96.31
_cell.angle_gamma   90.00
#
_symmetry.space_group_name_H-M   'P 1 21 1'
#
loop_
_entity.id
_entity.type
_entity.pdbx_description
1 polymer 'Nicotinamide phosphoribosyltransferase'
2 non-polymer (2E)-N-{4-[1-(benzenecarbonyl)piperidin-4-yl]butyl}-3-(pyridin-3-yl)prop-2-enamide
3 non-polymer 'PHOSPHATE ION'
4 non-polymer 1,2-ETHANEDIOL
5 water water
#
_entity_poly.entity_id   1
_entity_poly.type   'polypeptide(L)'
_entity_poly.pdbx_seq_one_letter_code
;MNPAAEAEFNILLATDSYKVTHYKQYPPNTSKVYSYFECREKKTENSKLRKVKYEETVFYGLQYILNKYLKGKVVTKEKI
QEAKDVYKEHFQDDVFNEKGWNYILEKYDGHLPIEIKAVPEGFVIPRGNVLFTVENTDPECYWLTNWIETILVQSWYPIT
VATNSREQKKILAKYLLETSGNLDGLEYKLHDFGYRGVSSQETAGIGASAHLVNFKRTDTVAGLALIKKYYGTKDPVPGY
SVPAAEHSTITAWGKDHEKDAFEHIVTQFSSVPVSVVSDSYDIYNACEKIWGEDLRHLIVSRSTQAPLIIRPDSGNPLDT
VLKVLEILGKKFPVTENSKGYKLLPPYLRVIQGDGVDINTLQEIVEGMKQKMWSIENIAFGSGGGLLQKLTRDLLNCSFK
CSYVVTNGLGINVFKDPVADPNKRSKKGRLSLHRTPAGNFVTLEEGKGDLEEYGQDLLHTVFKNGKVTKSYSFDEIRKNA
QLNIELEAAHHLEHHHHHHHH
;
_entity_poly.pdbx_strand_id   A,B
#
loop_
_chem_comp.id
_chem_comp.type
_chem_comp.name
_chem_comp.formula
DGB non-polymer (2E)-N-{4-[1-(benzenecarbonyl)piperidin-4-yl]butyl}-3-(pyridin-3-yl)prop-2-enamide 'C24 H29 N3 O2'
EDO non-polymer 1,2-ETHANEDIOL 'C2 H6 O2'
PO4 non-polymer 'PHOSPHATE ION' 'O4 P -3'
#
# COMPACT_ATOMS: atom_id res chain seq x y z
N GLU A 8 15.43 -6.33 14.27
CA GLU A 8 16.16 -5.24 13.63
C GLU A 8 16.26 -5.44 12.11
N PHE A 9 16.17 -4.34 11.38
CA PHE A 9 16.23 -4.36 9.92
C PHE A 9 17.60 -4.83 9.43
N ASN A 10 17.58 -5.71 8.43
CA ASN A 10 18.80 -6.28 7.86
C ASN A 10 18.79 -6.07 6.34
N ILE A 11 19.66 -5.17 5.86
CA ILE A 11 19.70 -4.86 4.42
C ILE A 11 19.97 -6.09 3.56
N LEU A 12 20.62 -7.11 4.13
CA LEU A 12 20.93 -8.32 3.37
C LEU A 12 19.66 -9.14 3.11
N LEU A 13 18.62 -8.86 3.87
CA LEU A 13 17.34 -9.55 3.72
C LEU A 13 16.28 -8.61 3.19
N ALA A 14 16.72 -7.53 2.56
CA ALA A 14 15.78 -6.51 2.09
C ALA A 14 15.89 -6.29 0.57
N THR A 15 15.97 -7.39 -0.17
CA THR A 15 16.06 -7.32 -1.63
C THR A 15 15.19 -8.43 -2.20
N ASP A 16 14.84 -8.36 -3.48
CA ASP A 16 14.15 -9.48 -4.14
C ASP A 16 15.08 -10.70 -4.08
N SER A 17 14.54 -11.86 -3.69
CA SER A 17 15.37 -13.05 -3.48
C SER A 17 16.30 -13.32 -4.66
N TYR A 18 15.81 -13.14 -5.89
CA TYR A 18 16.66 -13.50 -7.03
C TYR A 18 17.95 -12.70 -7.12
N LYS A 19 17.98 -11.50 -6.53
CA LYS A 19 19.17 -10.68 -6.61
C LYS A 19 20.32 -11.28 -5.82
N VAL A 20 20.00 -12.17 -4.88
CA VAL A 20 21.02 -12.91 -4.15
C VAL A 20 21.92 -13.69 -5.11
N THR A 21 21.38 -14.01 -6.29
CA THR A 21 22.07 -14.88 -7.26
C THR A 21 22.76 -14.13 -8.40
N HIS A 22 22.62 -12.80 -8.43
CA HIS A 22 23.12 -12.04 -9.56
C HIS A 22 24.63 -11.82 -9.61
N TYR A 23 25.31 -11.92 -8.47
CA TYR A 23 26.76 -11.80 -8.49
C TYR A 23 27.43 -12.92 -9.32
N LYS A 24 26.73 -14.01 -9.56
CA LYS A 24 27.23 -15.09 -10.43
C LYS A 24 26.83 -14.90 -11.89
N GLN A 25 26.14 -13.81 -12.23
CA GLN A 25 25.58 -13.66 -13.57
C GLN A 25 26.14 -12.52 -14.43
N TYR A 26 26.67 -11.49 -13.80
CA TYR A 26 27.23 -10.36 -14.55
C TYR A 26 28.43 -10.84 -15.34
N PRO A 27 28.83 -10.07 -16.36
CA PRO A 27 30.03 -10.49 -17.10
C PRO A 27 31.23 -10.51 -16.17
N PRO A 28 32.06 -11.55 -16.25
CA PRO A 28 33.33 -11.50 -15.51
C PRO A 28 34.13 -10.24 -15.83
N ASN A 29 34.90 -9.77 -14.84
CA ASN A 29 35.78 -8.62 -15.02
C ASN A 29 35.01 -7.31 -15.13
N THR A 30 33.85 -7.26 -14.46
CA THR A 30 33.04 -6.06 -14.39
C THR A 30 33.33 -5.30 -13.12
N SER A 31 33.76 -4.06 -13.27
CA SER A 31 34.20 -3.28 -12.13
C SER A 31 33.17 -2.20 -11.74
N LYS A 32 32.24 -1.92 -12.66
CA LYS A 32 31.23 -0.86 -12.43
C LYS A 32 29.86 -1.22 -12.99
N VAL A 33 28.83 -1.06 -12.16
CA VAL A 33 27.45 -1.14 -12.60
C VAL A 33 26.78 0.16 -12.18
N TYR A 34 26.23 0.86 -13.17
CA TYR A 34 25.64 2.18 -12.99
C TYR A 34 24.20 2.10 -13.44
N SER A 35 23.30 2.51 -12.54
CA SER A 35 21.87 2.39 -12.83
C SER A 35 21.12 3.69 -12.53
N TYR A 36 19.92 3.84 -13.07
CA TYR A 36 19.16 5.09 -12.91
C TYR A 36 17.68 4.83 -12.69
N PHE A 37 16.98 5.85 -12.17
CA PHE A 37 15.54 5.76 -11.92
C PHE A 37 14.86 6.86 -12.70
N GLU A 38 13.75 6.52 -13.31
CA GLU A 38 12.93 7.49 -14.04
C GLU A 38 11.47 7.11 -13.87
N CYS A 39 10.60 8.05 -14.17
CA CYS A 39 9.18 7.80 -14.30
C CYS A 39 8.92 7.72 -15.78
N ARG A 40 9.07 6.52 -16.32
CA ARG A 40 9.20 6.33 -17.74
C ARG A 40 8.01 6.86 -18.54
N GLU A 41 8.29 7.52 -19.66
CA GLU A 41 7.25 8.07 -20.51
C GLU A 41 6.45 6.94 -21.12
N LYS A 42 5.18 7.19 -21.40
CA LYS A 42 4.30 6.19 -22.01
C LYS A 42 3.52 6.83 -23.16
N LYS A 43 3.63 6.24 -24.36
CA LYS A 43 2.97 6.75 -25.56
C LYS A 43 1.49 7.10 -25.36
N LYS A 53 -3.09 12.54 -17.30
CA LYS A 53 -1.91 12.17 -18.08
C LYS A 53 -0.66 12.08 -17.23
N TYR A 54 -0.66 12.76 -16.09
CA TYR A 54 0.49 12.80 -15.19
C TYR A 54 1.78 13.08 -15.96
N GLU A 55 1.84 14.26 -16.54
CA GLU A 55 2.94 14.61 -17.42
C GLU A 55 4.20 15.00 -16.66
N GLU A 56 4.05 15.43 -15.41
CA GLU A 56 5.21 15.74 -14.57
C GLU A 56 5.08 15.15 -13.18
N THR A 57 6.21 14.87 -12.55
CA THR A 57 6.16 14.22 -11.24
C THR A 57 6.95 15.00 -10.20
N VAL A 58 6.49 14.93 -8.97
CA VAL A 58 7.15 15.51 -7.82
C VAL A 58 8.13 14.50 -7.26
N PHE A 59 9.42 14.84 -7.21
CA PHE A 59 10.40 13.90 -6.67
C PHE A 59 10.45 14.05 -5.16
N TYR A 60 9.99 13.02 -4.45
CA TYR A 60 9.97 13.11 -2.99
C TYR A 60 10.07 11.74 -2.34
N GLY A 61 10.90 11.63 -1.31
CA GLY A 61 10.88 10.46 -0.44
C GLY A 61 12.19 9.67 -0.35
N LEU A 62 13.13 9.96 -1.24
CA LEU A 62 14.42 9.27 -1.25
C LEU A 62 15.20 9.52 0.07
N GLN A 63 15.12 10.74 0.58
CA GLN A 63 15.83 11.12 1.81
C GLN A 63 15.40 10.25 3.00
N TYR A 64 14.12 9.92 3.08
CA TYR A 64 13.62 8.97 4.07
C TYR A 64 14.33 7.62 3.98
N ILE A 65 14.38 7.07 2.79
CA ILE A 65 14.98 5.76 2.55
C ILE A 65 16.49 5.79 2.88
N LEU A 66 17.19 6.78 2.37
CA LEU A 66 18.62 6.92 2.67
C LEU A 66 18.93 6.91 4.17
N ASN A 67 18.20 7.72 4.94
CA ASN A 67 18.43 7.81 6.38
C ASN A 67 17.96 6.59 7.16
N LYS A 68 16.75 6.10 6.88
CA LYS A 68 16.23 4.98 7.65
C LYS A 68 16.96 3.67 7.37
N TYR A 69 17.35 3.44 6.12
CA TYR A 69 17.78 2.10 5.70
C TYR A 69 19.20 1.98 5.16
N LEU A 70 19.73 3.03 4.52
CA LEU A 70 20.98 2.86 3.80
C LEU A 70 22.24 3.43 4.46
N LYS A 71 22.09 4.42 5.32
CA LYS A 71 23.28 5.07 5.87
C LYS A 71 23.91 4.35 7.06
N GLY A 72 25.20 4.61 7.26
CA GLY A 72 25.90 4.12 8.43
C GLY A 72 26.32 2.67 8.34
N LYS A 73 26.55 2.07 9.50
CA LYS A 73 26.99 0.68 9.54
C LYS A 73 25.78 -0.24 9.40
N VAL A 74 25.54 -0.70 8.17
CA VAL A 74 24.36 -1.51 7.89
C VAL A 74 24.71 -2.99 7.72
N VAL A 75 26.00 -3.31 7.75
CA VAL A 75 26.46 -4.69 7.67
C VAL A 75 27.17 -5.02 8.96
N THR A 76 26.81 -6.18 9.56
CA THR A 76 27.53 -6.76 10.70
C THR A 76 27.73 -8.25 10.53
N LYS A 77 28.68 -8.82 11.29
CA LYS A 77 28.89 -10.27 11.29
C LYS A 77 27.58 -11.04 11.47
N GLU A 78 26.79 -10.58 12.43
CA GLU A 78 25.56 -11.26 12.78
C GLU A 78 24.55 -11.20 11.64
N LYS A 79 24.50 -10.06 10.97
CA LYS A 79 23.56 -9.88 9.87
C LYS A 79 23.95 -10.75 8.70
N ILE A 80 25.25 -10.91 8.47
CA ILE A 80 25.73 -11.76 7.40
C ILE A 80 25.36 -13.21 7.70
N GLN A 81 25.56 -13.65 8.94
CA GLN A 81 25.22 -15.02 9.30
C GLN A 81 23.71 -15.31 9.25
N GLU A 82 22.89 -14.36 9.67
N GLU A 82 22.92 -14.34 9.69
CA GLU A 82 21.45 -14.56 9.60
CA GLU A 82 21.45 -14.40 9.61
C GLU A 82 20.99 -14.69 8.16
C GLU A 82 21.00 -14.66 8.18
N ALA A 83 21.50 -13.83 7.28
CA ALA A 83 21.16 -13.96 5.86
C ALA A 83 21.62 -15.29 5.27
N LYS A 84 22.82 -15.73 5.63
CA LYS A 84 23.34 -16.99 5.13
C LYS A 84 22.42 -18.14 5.55
N ASP A 85 21.97 -18.12 6.82
CA ASP A 85 21.08 -19.15 7.34
C ASP A 85 19.69 -19.15 6.68
N VAL A 86 19.12 -17.96 6.48
CA VAL A 86 17.80 -17.84 5.83
C VAL A 86 17.88 -18.30 4.37
N TYR A 87 18.86 -17.77 3.64
CA TYR A 87 18.95 -18.06 2.23
C TYR A 87 19.24 -19.54 1.96
N LYS A 88 19.98 -20.18 2.86
CA LYS A 88 20.20 -21.61 2.72
C LYS A 88 18.87 -22.39 2.64
N GLU A 89 17.92 -21.99 3.49
CA GLU A 89 16.64 -22.71 3.55
C GLU A 89 15.70 -22.24 2.46
N HIS A 90 15.75 -20.94 2.18
CA HIS A 90 14.86 -20.30 1.22
C HIS A 90 15.14 -20.78 -0.21
N PHE A 91 16.43 -21.02 -0.52
CA PHE A 91 16.79 -21.56 -1.84
C PHE A 91 17.02 -23.09 -1.86
N GLN A 92 17.11 -23.70 -0.68
CA GLN A 92 17.54 -25.11 -0.59
C GLN A 92 18.86 -25.28 -1.33
N ASP A 93 19.74 -24.30 -1.16
CA ASP A 93 21.01 -24.22 -1.87
C ASP A 93 21.86 -23.15 -1.21
N ASP A 94 23.18 -23.24 -1.38
CA ASP A 94 24.11 -22.35 -0.68
C ASP A 94 24.45 -21.02 -1.38
N VAL A 95 23.84 -20.74 -2.52
CA VAL A 95 24.16 -19.49 -3.22
C VAL A 95 23.97 -18.28 -2.31
N PHE A 96 25.00 -17.45 -2.22
CA PHE A 96 24.99 -16.27 -1.35
C PHE A 96 26.38 -15.73 -1.27
N ASN A 97 26.51 -14.46 -1.61
CA ASN A 97 27.81 -13.83 -1.73
C ASN A 97 28.33 -13.41 -0.36
N GLU A 98 28.60 -14.40 0.49
CA GLU A 98 29.18 -14.14 1.80
C GLU A 98 30.50 -13.35 1.71
N LYS A 99 31.37 -13.71 0.77
CA LYS A 99 32.64 -13.01 0.59
C LYS A 99 32.45 -11.52 0.25
N GLY A 100 31.48 -11.22 -0.62
CA GLY A 100 31.22 -9.83 -0.98
C GLY A 100 30.75 -8.96 0.17
N TRP A 101 29.85 -9.50 0.98
CA TRP A 101 29.37 -8.80 2.14
C TRP A 101 30.46 -8.69 3.20
N ASN A 102 31.24 -9.75 3.38
CA ASN A 102 32.41 -9.70 4.26
C ASN A 102 33.35 -8.55 3.91
N TYR A 103 33.59 -8.37 2.62
CA TYR A 103 34.45 -7.30 2.15
C TYR A 103 33.99 -5.91 2.59
N ILE A 104 32.70 -5.64 2.45
CA ILE A 104 32.15 -4.36 2.87
C ILE A 104 32.30 -4.20 4.38
N LEU A 105 32.06 -5.27 5.12
CA LEU A 105 32.23 -5.21 6.56
C LEU A 105 33.68 -4.90 6.96
N GLU A 106 34.64 -5.64 6.40
CA GLU A 106 36.05 -5.46 6.79
C GLU A 106 36.70 -4.18 6.28
N LYS A 107 36.37 -3.80 5.04
CA LYS A 107 37.07 -2.71 4.39
C LYS A 107 36.43 -1.36 4.67
N TYR A 108 35.13 -1.34 4.91
CA TYR A 108 34.40 -0.08 5.05
C TYR A 108 33.60 0.03 6.34
N ASP A 109 33.93 -0.80 7.32
CA ASP A 109 33.19 -0.88 8.58
C ASP A 109 31.68 -0.98 8.32
N GLY A 110 31.29 -1.79 7.36
CA GLY A 110 29.88 -2.04 7.10
C GLY A 110 29.10 -0.93 6.42
N HIS A 111 29.79 0.09 5.92
CA HIS A 111 29.15 1.17 5.15
C HIS A 111 29.09 0.83 3.66
N LEU A 112 28.00 1.18 3.00
CA LEU A 112 27.86 0.79 1.60
C LEU A 112 28.69 1.63 0.62
N PRO A 113 29.56 0.97 -0.17
CA PRO A 113 30.38 1.73 -1.14
C PRO A 113 29.60 2.03 -2.41
N ILE A 114 28.70 3.01 -2.26
CA ILE A 114 27.71 3.38 -3.26
C ILE A 114 27.65 4.90 -3.31
N GLU A 115 27.47 5.45 -4.51
CA GLU A 115 27.24 6.89 -4.64
C GLU A 115 25.91 7.06 -5.34
N ILE A 116 25.04 7.89 -4.76
CA ILE A 116 23.72 8.18 -5.32
C ILE A 116 23.61 9.67 -5.59
N LYS A 117 23.23 10.03 -6.81
CA LYS A 117 23.04 11.43 -7.19
C LYS A 117 21.57 11.63 -7.54
N ALA A 118 20.97 12.73 -7.09
CA ALA A 118 19.54 12.92 -7.28
C ALA A 118 19.15 14.38 -7.54
N VAL A 119 18.01 14.54 -8.22
CA VAL A 119 17.40 15.88 -8.36
C VAL A 119 16.91 16.30 -6.96
N PRO A 120 16.92 17.61 -6.65
CA PRO A 120 16.48 18.02 -5.32
C PRO A 120 15.04 17.61 -5.02
N GLU A 121 14.77 17.21 -3.80
CA GLU A 121 13.42 16.84 -3.42
C GLU A 121 12.45 18.02 -3.54
N GLY A 122 11.25 17.71 -4.02
CA GLY A 122 10.24 18.71 -4.30
C GLY A 122 10.27 19.13 -5.76
N PHE A 123 11.38 18.89 -6.47
CA PHE A 123 11.45 19.27 -7.88
C PHE A 123 10.34 18.61 -8.68
N VAL A 124 9.81 19.37 -9.63
CA VAL A 124 8.72 18.93 -10.48
C VAL A 124 9.28 18.76 -11.87
N ILE A 125 9.32 17.51 -12.35
CA ILE A 125 10.10 17.14 -13.52
C ILE A 125 9.23 16.34 -14.48
N PRO A 126 9.28 16.66 -15.77
CA PRO A 126 8.45 15.90 -16.72
C PRO A 126 8.82 14.42 -16.79
N ARG A 127 7.86 13.60 -17.21
CA ARG A 127 8.10 12.16 -17.41
C ARG A 127 9.29 11.90 -18.33
N GLY A 128 9.98 10.77 -18.08
CA GLY A 128 11.05 10.34 -18.97
C GLY A 128 12.40 10.99 -18.72
N ASN A 129 12.57 11.55 -17.54
CA ASN A 129 13.85 12.13 -17.18
C ASN A 129 14.51 11.36 -16.05
N VAL A 130 15.83 11.35 -16.04
CA VAL A 130 16.57 10.78 -14.90
C VAL A 130 16.31 11.56 -13.62
N LEU A 131 15.90 10.86 -12.55
CA LEU A 131 15.63 11.47 -11.25
C LEU A 131 16.74 11.17 -10.24
N PHE A 132 17.27 9.95 -10.29
CA PHE A 132 18.48 9.64 -9.56
C PHE A 132 19.31 8.53 -10.21
N THR A 133 20.60 8.49 -9.86
CA THR A 133 21.50 7.46 -10.35
C THR A 133 22.23 6.82 -9.17
N VAL A 134 22.68 5.59 -9.38
CA VAL A 134 23.30 4.76 -8.35
C VAL A 134 24.48 4.03 -9.01
N GLU A 135 25.64 4.08 -8.36
CA GLU A 135 26.81 3.33 -8.83
C GLU A 135 27.67 2.88 -7.65
N ASN A 136 28.45 1.82 -7.84
CA ASN A 136 29.36 1.35 -6.81
C ASN A 136 30.64 2.19 -6.85
N THR A 137 31.28 2.40 -5.70
CA THR A 137 32.48 3.23 -5.64
C THR A 137 33.73 2.40 -5.49
N ASP A 138 33.56 1.08 -5.36
CA ASP A 138 34.64 0.11 -5.24
C ASP A 138 34.37 -1.01 -6.25
N PRO A 139 35.36 -1.36 -7.08
CA PRO A 139 35.17 -2.39 -8.12
C PRO A 139 34.70 -3.73 -7.59
N GLU A 140 35.07 -4.06 -6.35
CA GLU A 140 34.66 -5.31 -5.75
C GLU A 140 33.13 -5.36 -5.56
N CYS A 141 32.50 -4.19 -5.51
CA CYS A 141 31.09 -4.06 -5.15
C CYS A 141 30.16 -3.77 -6.34
N TYR A 142 30.56 -4.20 -7.54
CA TYR A 142 29.76 -4.04 -8.76
C TYR A 142 28.36 -4.63 -8.57
N TRP A 143 28.25 -5.67 -7.73
CA TRP A 143 26.99 -6.38 -7.53
C TRP A 143 26.04 -5.60 -6.62
N LEU A 144 26.57 -4.60 -5.92
CA LEU A 144 25.79 -3.95 -4.88
C LEU A 144 24.81 -2.93 -5.45
N THR A 145 25.15 -2.36 -6.61
CA THR A 145 24.30 -1.34 -7.22
C THR A 145 22.88 -1.81 -7.38
N ASN A 146 22.71 -3.00 -7.94
CA ASN A 146 21.35 -3.48 -8.16
C ASN A 146 20.77 -4.30 -7.01
N TRP A 147 21.60 -4.69 -6.04
CA TRP A 147 21.08 -5.27 -4.80
C TRP A 147 20.07 -4.32 -4.16
N ILE A 148 20.38 -3.03 -4.17
CA ILE A 148 19.53 -2.06 -3.49
C ILE A 148 18.47 -1.49 -4.41
N GLU A 149 18.29 -2.08 -5.59
CA GLU A 149 17.20 -1.66 -6.49
C GLU A 149 15.85 -1.72 -5.77
N THR A 150 15.59 -2.84 -5.14
CA THR A 150 14.26 -3.09 -4.57
C THR A 150 13.85 -2.03 -3.54
N ILE A 151 14.75 -1.76 -2.62
CA ILE A 151 14.48 -0.74 -1.60
C ILE A 151 14.36 0.67 -2.18
N LEU A 152 15.23 1.02 -3.13
CA LEU A 152 15.18 2.35 -3.73
C LEU A 152 13.94 2.55 -4.61
N VAL A 153 13.48 1.51 -5.29
CA VAL A 153 12.32 1.62 -6.18
C VAL A 153 11.03 1.92 -5.39
N GLN A 154 11.01 1.58 -4.09
CA GLN A 154 9.85 1.89 -3.24
C GLN A 154 9.63 3.40 -3.07
N SER A 155 10.59 4.18 -3.54
CA SER A 155 10.41 5.62 -3.65
C SER A 155 9.26 5.97 -4.61
N TRP A 156 8.85 5.02 -5.44
CA TRP A 156 7.67 5.20 -6.30
C TRP A 156 6.45 5.70 -5.51
N TYR A 157 6.30 5.22 -4.27
CA TYR A 157 5.10 5.48 -3.52
C TYR A 157 4.98 6.96 -3.07
N PRO A 158 5.99 7.49 -2.34
CA PRO A 158 5.89 8.92 -2.00
C PRO A 158 5.94 9.81 -3.24
N ILE A 159 6.71 9.46 -4.26
CA ILE A 159 6.60 10.19 -5.52
C ILE A 159 5.17 10.22 -6.07
N THR A 160 4.53 9.06 -6.09
CA THR A 160 3.21 8.96 -6.74
C THR A 160 2.11 9.62 -5.89
N VAL A 161 2.18 9.47 -4.57
CA VAL A 161 1.21 10.17 -3.70
C VAL A 161 1.38 11.67 -3.84
N ALA A 162 2.63 12.13 -3.76
CA ALA A 162 2.87 13.58 -3.86
C ALA A 162 2.40 14.13 -5.21
N THR A 163 2.69 13.38 -6.26
CA THR A 163 2.30 13.80 -7.62
C THR A 163 0.78 13.83 -7.81
N ASN A 164 0.10 12.75 -7.42
CA ASN A 164 -1.35 12.66 -7.57
C ASN A 164 -2.07 13.70 -6.69
N SER A 165 -1.54 13.93 -5.49
CA SER A 165 -2.05 14.98 -4.63
C SER A 165 -1.88 16.37 -5.27
N ARG A 166 -0.71 16.64 -5.85
CA ARG A 166 -0.50 17.92 -6.55
C ARG A 166 -1.45 18.11 -7.74
N GLU A 167 -1.70 17.04 -8.49
CA GLU A 167 -2.63 17.12 -9.62
C GLU A 167 -4.04 17.46 -9.14
N GLN A 168 -4.38 17.01 -7.92
CA GLN A 168 -5.68 17.36 -7.37
C GLN A 168 -5.69 18.81 -6.89
N LYS A 169 -4.56 19.29 -6.41
CA LYS A 169 -4.42 20.70 -6.03
C LYS A 169 -4.61 21.60 -7.26
N LYS A 170 -4.13 21.16 -8.43
CA LYS A 170 -4.27 21.94 -9.64
C LYS A 170 -5.72 22.09 -10.04
N ILE A 171 -6.49 21.00 -9.91
CA ILE A 171 -7.92 21.03 -10.23
C ILE A 171 -8.64 21.99 -9.27
N LEU A 172 -8.33 21.86 -7.98
CA LEU A 172 -8.95 22.72 -6.98
C LEU A 172 -8.60 24.17 -7.21
N ALA A 173 -7.34 24.44 -7.57
CA ALA A 173 -6.91 25.83 -7.79
C ALA A 173 -7.68 26.46 -8.96
N LYS A 174 -7.81 25.71 -10.05
CA LYS A 174 -8.49 26.18 -11.25
C LYS A 174 -9.92 26.58 -10.93
N TYR A 175 -10.64 25.69 -10.27
CA TYR A 175 -12.05 25.93 -9.98
C TYR A 175 -12.26 26.96 -8.87
N LEU A 176 -11.39 26.98 -7.86
CA LEU A 176 -11.49 28.02 -6.83
C LEU A 176 -11.25 29.40 -7.44
N LEU A 177 -10.23 29.51 -8.30
CA LEU A 177 -9.93 30.79 -8.92
C LEU A 177 -11.11 31.23 -9.79
N GLU A 178 -11.66 30.29 -10.54
CA GLU A 178 -12.78 30.56 -11.44
C GLU A 178 -14.04 31.01 -10.71
N THR A 179 -14.39 30.31 -9.63
CA THR A 179 -15.61 30.63 -8.90
C THR A 179 -15.48 31.71 -7.80
N SER A 180 -14.27 32.06 -7.40
CA SER A 180 -14.10 33.01 -6.28
C SER A 180 -13.18 34.19 -6.58
N GLY A 181 -12.28 34.05 -7.54
CA GLY A 181 -11.34 35.11 -7.87
C GLY A 181 -10.00 35.04 -7.17
N ASN A 182 -9.79 34.05 -6.30
CA ASN A 182 -8.51 33.93 -5.62
C ASN A 182 -8.28 32.50 -5.17
N LEU A 183 -7.15 32.28 -4.50
CA LEU A 183 -6.80 30.93 -4.05
C LEU A 183 -6.79 30.81 -2.53
N ASP A 184 -7.47 31.71 -1.84
CA ASP A 184 -7.48 31.69 -0.38
C ASP A 184 -7.95 30.33 0.15
N GLY A 185 -7.12 29.70 0.98
CA GLY A 185 -7.52 28.47 1.64
C GLY A 185 -7.33 27.18 0.84
N LEU A 186 -6.80 27.28 -0.39
CA LEU A 186 -6.51 26.12 -1.23
C LEU A 186 -5.81 24.98 -0.48
N GLU A 187 -4.87 25.35 0.37
CA GLU A 187 -4.05 24.35 1.05
C GLU A 187 -4.84 23.56 2.09
N TYR A 188 -6.09 23.97 2.35
CA TYR A 188 -6.94 23.29 3.33
C TYR A 188 -8.07 22.50 2.69
N LYS A 189 -8.11 22.47 1.36
CA LYS A 189 -9.27 21.97 0.62
C LYS A 189 -9.27 20.47 0.30
N LEU A 190 -8.13 19.81 0.51
CA LEU A 190 -8.03 18.35 0.39
C LEU A 190 -7.37 17.77 1.65
N HIS A 191 -8.15 17.03 2.41
CA HIS A 191 -7.81 16.60 3.76
C HIS A 191 -7.64 15.07 3.71
N ASP A 192 -6.48 14.61 4.19
CA ASP A 192 -6.14 13.18 4.21
C ASP A 192 -6.94 12.43 5.27
N PHE A 193 -7.78 11.49 4.83
CA PHE A 193 -8.60 10.63 5.68
C PHE A 193 -8.10 9.17 5.54
N GLY A 194 -6.88 8.95 5.04
CA GLY A 194 -6.47 7.62 4.60
C GLY A 194 -5.83 6.63 5.56
N TYR A 195 -5.73 6.99 6.83
CA TYR A 195 -4.95 6.16 7.77
C TYR A 195 -5.45 4.70 7.80
N ARG A 196 -6.76 4.51 7.89
CA ARG A 196 -7.29 3.16 8.04
C ARG A 196 -7.23 2.36 6.74
N GLY A 197 -7.13 3.08 5.62
CA GLY A 197 -7.26 2.48 4.30
C GLY A 197 -5.94 2.13 3.62
N VAL A 198 -4.82 2.38 4.29
CA VAL A 198 -3.52 1.98 3.74
C VAL A 198 -3.11 0.63 4.32
N SER A 199 -2.07 0.05 3.72
CA SER A 199 -1.69 -1.33 4.01
C SER A 199 -0.81 -1.54 5.26
N SER A 200 -0.24 -0.48 5.81
CA SER A 200 0.55 -0.63 7.05
C SER A 200 0.74 0.71 7.75
N GLN A 201 1.23 0.64 8.99
CA GLN A 201 1.63 1.84 9.72
C GLN A 201 2.74 2.62 8.99
N GLU A 202 3.72 1.89 8.44
CA GLU A 202 4.82 2.58 7.79
C GLU A 202 4.33 3.29 6.54
N THR A 203 3.47 2.61 5.79
CA THR A 203 2.89 3.23 4.61
C THR A 203 2.11 4.48 4.96
N ALA A 204 1.35 4.43 6.05
CA ALA A 204 0.60 5.60 6.50
C ALA A 204 1.47 6.83 6.69
N GLY A 205 2.59 6.68 7.42
CA GLY A 205 3.51 7.78 7.66
C GLY A 205 4.07 8.34 6.36
N ILE A 206 4.49 7.44 5.47
CA ILE A 206 5.11 7.84 4.22
C ILE A 206 4.11 8.57 3.32
N GLY A 207 2.93 7.98 3.15
CA GLY A 207 1.93 8.57 2.27
C GLY A 207 1.42 9.90 2.80
N ALA A 208 1.15 9.96 4.10
CA ALA A 208 0.65 11.19 4.70
C ALA A 208 1.67 12.31 4.49
N SER A 209 2.95 11.98 4.66
CA SER A 209 3.98 13.00 4.50
C SER A 209 3.99 13.51 3.07
N ALA A 210 3.71 12.64 2.10
CA ALA A 210 3.78 13.04 0.70
C ALA A 210 2.61 13.96 0.32
N HIS A 211 1.43 13.71 0.90
CA HIS A 211 0.28 14.61 0.73
C HIS A 211 0.59 16.00 1.30
N LEU A 212 1.27 16.03 2.44
CA LEU A 212 1.62 17.31 3.10
C LEU A 212 2.63 18.17 2.30
N VAL A 213 3.22 17.57 1.26
CA VAL A 213 4.01 18.36 0.33
C VAL A 213 3.15 19.47 -0.32
N ASN A 214 1.86 19.17 -0.50
CA ASN A 214 0.93 20.04 -1.22
C ASN A 214 -0.16 20.69 -0.37
N PHE A 215 -0.54 20.05 0.71
CA PHE A 215 -1.63 20.55 1.55
C PHE A 215 -1.25 20.57 3.02
N LYS A 216 -2.12 21.12 3.85
CA LYS A 216 -1.81 21.28 5.27
C LYS A 216 -2.70 20.51 6.22
N ARG A 217 -3.72 19.83 5.70
CA ARG A 217 -4.70 19.13 6.55
C ARG A 217 -4.63 17.60 6.43
N THR A 218 -4.53 16.95 7.58
CA THR A 218 -4.43 15.49 7.61
C THR A 218 -4.94 14.92 8.94
N ASP A 219 -5.59 13.76 8.87
CA ASP A 219 -5.93 13.01 10.08
C ASP A 219 -5.00 11.81 10.20
N THR A 220 -4.07 11.71 9.26
CA THR A 220 -3.11 10.61 9.32
C THR A 220 -1.90 11.07 10.13
N VAL A 221 -2.04 11.02 11.46
CA VAL A 221 -1.06 11.57 12.41
C VAL A 221 0.37 11.08 12.23
N ALA A 222 0.50 9.85 11.71
CA ALA A 222 1.78 9.22 11.46
C ALA A 222 2.71 10.05 10.57
N GLY A 223 2.15 10.83 9.66
CA GLY A 223 2.98 11.67 8.79
C GLY A 223 3.81 12.70 9.56
N LEU A 224 3.29 13.16 10.68
CA LEU A 224 3.94 14.25 11.41
C LEU A 224 5.32 13.83 11.94
N ALA A 225 5.38 12.69 12.60
CA ALA A 225 6.64 12.24 13.19
C ALA A 225 7.67 11.90 12.11
N LEU A 226 7.21 11.36 10.99
CA LEU A 226 8.10 11.09 9.86
C LEU A 226 8.79 12.39 9.41
N ILE A 227 8.00 13.42 9.17
CA ILE A 227 8.53 14.69 8.68
C ILE A 227 9.50 15.30 9.69
N LYS A 228 9.13 15.26 10.98
CA LYS A 228 9.97 15.83 12.03
C LYS A 228 11.33 15.12 12.08
N LYS A 229 11.32 13.80 11.95
CA LYS A 229 12.58 13.06 12.08
C LYS A 229 13.51 13.14 10.86
N TYR A 230 12.96 13.15 9.66
CA TYR A 230 13.73 12.96 8.43
C TYR A 230 13.89 14.20 7.56
N TYR A 231 13.02 15.18 7.75
CA TYR A 231 13.01 16.36 6.91
C TYR A 231 13.05 17.67 7.69
N GLY A 232 12.06 17.87 8.55
CA GLY A 232 11.99 19.01 9.45
C GLY A 232 11.30 20.25 8.88
N THR A 233 10.58 20.98 9.75
CA THR A 233 9.94 22.23 9.36
C THR A 233 10.25 23.32 10.39
N LYS A 234 10.21 24.57 9.95
CA LYS A 234 10.32 25.73 10.86
C LYS A 234 9.18 25.70 11.88
N ASP A 235 7.97 25.48 11.40
CA ASP A 235 6.80 25.41 12.28
C ASP A 235 6.81 24.14 13.11
N PRO A 236 6.17 24.18 14.29
CA PRO A 236 6.08 23.00 15.17
C PRO A 236 5.62 21.74 14.45
N VAL A 237 4.59 21.85 13.62
CA VAL A 237 4.09 20.71 12.83
C VAL A 237 3.81 21.07 11.38
N PRO A 238 3.90 20.09 10.47
CA PRO A 238 3.63 20.27 9.05
C PRO A 238 2.14 20.14 8.68
N GLY A 239 1.34 19.52 9.55
CA GLY A 239 -0.04 19.26 9.23
C GLY A 239 -0.99 19.42 10.40
N TYR A 240 -2.27 19.67 10.09
CA TYR A 240 -3.23 20.09 11.10
C TYR A 240 -4.53 19.31 10.98
N SER A 241 -5.27 19.24 12.08
CA SER A 241 -6.60 18.67 12.03
C SER A 241 -7.63 19.55 12.74
N VAL A 242 -8.88 19.05 12.75
CA VAL A 242 -10.04 19.80 13.20
C VAL A 242 -11.02 18.83 13.88
N PRO A 243 -11.67 19.25 14.99
CA PRO A 243 -12.62 18.33 15.62
C PRO A 243 -13.71 17.86 14.63
N ALA A 244 -14.10 16.60 14.78
CA ALA A 244 -15.06 16.01 13.87
C ALA A 244 -15.66 14.77 14.48
N ALA A 245 -16.94 14.54 14.16
CA ALA A 245 -17.66 13.35 14.60
C ALA A 245 -17.36 12.18 13.68
N GLU A 246 -17.67 10.97 14.16
CA GLU A 246 -17.76 9.78 13.32
C GLU A 246 -19.16 9.20 13.53
N HIS A 247 -19.55 8.21 12.72
CA HIS A 247 -20.88 7.65 12.91
C HIS A 247 -21.11 7.10 14.31
N SER A 248 -20.08 6.53 14.93
CA SER A 248 -20.29 6.00 16.28
C SER A 248 -20.75 7.04 17.30
N THR A 249 -20.23 8.27 17.21
CA THR A 249 -20.54 9.30 18.19
C THR A 249 -21.91 9.93 17.93
N ILE A 250 -22.47 9.64 16.76
CA ILE A 250 -23.86 9.99 16.48
C ILE A 250 -24.80 8.83 16.85
N THR A 251 -24.50 7.65 16.31
CA THR A 251 -25.41 6.50 16.45
C THR A 251 -25.52 5.99 17.88
N ALA A 252 -24.49 6.23 18.68
CA ALA A 252 -24.50 5.82 20.09
C ALA A 252 -25.65 6.45 20.89
N TRP A 253 -26.19 7.55 20.39
CA TRP A 253 -27.28 8.26 21.06
C TRP A 253 -28.63 7.59 20.85
N GLY A 254 -28.69 6.70 19.86
CA GLY A 254 -29.91 6.04 19.48
C GLY A 254 -30.54 6.73 18.29
N LYS A 255 -31.25 5.94 17.48
CA LYS A 255 -31.81 6.42 16.22
C LYS A 255 -32.77 7.58 16.42
N ASP A 256 -33.51 7.57 17.53
CA ASP A 256 -34.46 8.66 17.78
C ASP A 256 -33.80 9.91 18.37
N HIS A 257 -32.48 9.87 18.55
CA HIS A 257 -31.82 10.96 19.25
C HIS A 257 -30.67 11.60 18.47
N GLU A 258 -30.77 11.52 17.14
CA GLU A 258 -29.81 12.17 16.24
C GLU A 258 -29.66 13.66 16.54
N LYS A 259 -30.79 14.35 16.73
CA LYS A 259 -30.74 15.77 17.06
C LYS A 259 -29.99 16.05 18.37
N ASP A 260 -30.23 15.22 19.37
CA ASP A 260 -29.51 15.31 20.64
C ASP A 260 -28.00 15.15 20.46
N ALA A 261 -27.62 14.21 19.61
CA ALA A 261 -26.21 14.02 19.29
C ALA A 261 -25.64 15.28 18.63
N PHE A 262 -26.29 15.75 17.57
CA PHE A 262 -25.83 16.97 16.90
C PHE A 262 -25.71 18.16 17.87
N GLU A 263 -26.74 18.36 18.68
CA GLU A 263 -26.76 19.51 19.59
C GLU A 263 -25.60 19.43 20.58
N HIS A 264 -25.44 18.26 21.20
CA HIS A 264 -24.34 18.01 22.14
C HIS A 264 -22.97 18.29 21.50
N ILE A 265 -22.75 17.78 20.30
CA ILE A 265 -21.45 17.94 19.66
C ILE A 265 -21.12 19.40 19.27
N VAL A 266 -22.07 20.12 18.70
CA VAL A 266 -21.77 21.50 18.31
C VAL A 266 -21.61 22.42 19.52
N THR A 267 -22.16 22.01 20.65
CA THR A 267 -22.10 22.82 21.86
C THR A 267 -20.79 22.54 22.59
N GLN A 268 -20.34 21.28 22.53
CA GLN A 268 -19.02 20.91 23.04
C GLN A 268 -17.91 21.62 22.30
N PHE A 269 -18.09 21.75 20.98
CA PHE A 269 -17.10 22.43 20.15
C PHE A 269 -17.72 23.71 19.57
N SER A 270 -18.10 24.63 20.46
CA SER A 270 -18.86 25.82 20.07
C SER A 270 -17.98 26.95 19.52
N SER A 271 -16.70 26.90 19.82
CA SER A 271 -15.79 27.99 19.47
C SER A 271 -14.62 27.56 18.61
N VAL A 272 -14.68 26.34 18.08
CA VAL A 272 -13.70 25.86 17.10
C VAL A 272 -14.48 25.30 15.90
N PRO A 273 -13.82 25.15 14.73
CA PRO A 273 -14.56 24.50 13.63
C PRO A 273 -14.89 23.06 14.01
N VAL A 274 -16.04 22.56 13.61
CA VAL A 274 -16.38 21.18 13.89
C VAL A 274 -17.14 20.58 12.72
N SER A 275 -16.73 19.39 12.31
CA SER A 275 -17.44 18.67 11.25
C SER A 275 -18.36 17.61 11.88
N VAL A 276 -19.57 17.51 11.35
CA VAL A 276 -20.56 16.56 11.86
C VAL A 276 -21.16 15.71 10.72
N VAL A 277 -20.74 14.45 10.67
CA VAL A 277 -21.28 13.48 9.72
C VAL A 277 -22.81 13.35 9.89
N SER A 278 -23.53 13.56 8.80
CA SER A 278 -24.96 13.85 8.90
C SER A 278 -25.81 12.84 8.13
N ASP A 279 -25.19 11.74 7.69
CA ASP A 279 -25.88 10.78 6.85
C ASP A 279 -26.19 9.45 7.55
N SER A 280 -26.12 9.39 8.88
CA SER A 280 -26.34 8.11 9.57
C SER A 280 -27.66 7.45 9.18
N TYR A 281 -28.70 8.25 9.05
CA TYR A 281 -30.03 7.73 8.70
C TYR A 281 -30.61 8.36 7.46
N ASP A 282 -30.53 9.69 7.37
CA ASP A 282 -31.11 10.39 6.23
C ASP A 282 -30.45 11.76 6.17
N ILE A 283 -29.44 11.88 5.32
CA ILE A 283 -28.69 13.12 5.14
C ILE A 283 -29.59 14.31 4.79
N TYR A 284 -30.60 14.09 3.96
CA TYR A 284 -31.41 15.21 3.47
C TYR A 284 -32.36 15.72 4.55
N ASN A 285 -32.91 14.80 5.33
CA ASN A 285 -33.66 15.18 6.52
C ASN A 285 -32.79 15.96 7.49
N ALA A 286 -31.57 15.45 7.71
CA ALA A 286 -30.67 16.05 8.70
C ALA A 286 -30.37 17.49 8.32
N CYS A 287 -30.16 17.72 7.03
CA CYS A 287 -29.84 19.06 6.55
C CYS A 287 -31.05 19.98 6.61
N GLU A 288 -32.20 19.48 6.16
CA GLU A 288 -33.34 20.37 5.99
C GLU A 288 -34.07 20.63 7.29
N LYS A 289 -34.23 19.58 8.08
CA LYS A 289 -35.07 19.64 9.28
C LYS A 289 -34.26 19.76 10.55
N ILE A 290 -33.17 19.01 10.68
CA ILE A 290 -32.41 19.05 11.93
C ILE A 290 -31.51 20.26 11.98
N TRP A 291 -30.58 20.38 11.02
CA TRP A 291 -29.75 21.56 10.98
C TRP A 291 -30.52 22.80 10.53
N GLY A 292 -31.42 22.61 9.55
CA GLY A 292 -32.07 23.74 8.91
C GLY A 292 -33.22 24.36 9.69
N GLU A 293 -33.76 23.62 10.65
CA GLU A 293 -34.90 24.10 11.43
C GLU A 293 -34.68 23.93 12.93
N ASP A 294 -34.64 22.68 13.40
CA ASP A 294 -34.53 22.40 14.84
C ASP A 294 -33.32 23.04 15.50
N LEU A 295 -32.16 22.99 14.84
CA LEU A 295 -30.91 23.44 15.48
C LEU A 295 -30.30 24.66 14.78
N ARG A 296 -31.09 25.29 13.93
CA ARG A 296 -30.62 26.43 13.14
C ARG A 296 -30.05 27.53 14.04
N HIS A 297 -30.64 27.72 15.22
CA HIS A 297 -30.21 28.79 16.11
C HIS A 297 -28.82 28.58 16.69
N LEU A 298 -28.33 27.34 16.66
CA LEU A 298 -27.01 27.01 17.17
C LEU A 298 -25.97 27.12 16.07
N ILE A 299 -26.44 27.32 14.84
N ILE A 299 -26.44 27.26 14.83
CA ILE A 299 -25.55 27.39 13.69
CA ILE A 299 -25.57 27.39 13.68
C ILE A 299 -25.34 28.83 13.24
C ILE A 299 -25.34 28.85 13.34
N VAL A 300 -26.42 29.60 13.17
CA VAL A 300 -26.32 31.01 12.75
C VAL A 300 -25.60 31.92 13.74
N SER A 301 -25.38 31.41 14.95
CA SER A 301 -24.73 32.14 16.03
C SER A 301 -23.21 31.93 16.00
N ARG A 302 -22.74 31.02 15.17
CA ARG A 302 -21.33 30.65 15.17
C ARG A 302 -20.38 31.66 14.53
N SER A 303 -19.12 31.62 14.96
CA SER A 303 -18.06 32.47 14.44
C SER A 303 -17.63 32.07 13.04
N THR A 304 -17.06 33.02 12.31
CA THR A 304 -16.48 32.71 11.01
C THR A 304 -15.23 31.86 11.19
N GLN A 305 -14.62 31.95 12.35
CA GLN A 305 -13.44 31.15 12.64
C GLN A 305 -13.85 29.79 13.21
N ALA A 306 -15.13 29.60 13.45
CA ALA A 306 -15.62 28.33 14.01
C ALA A 306 -16.91 27.85 13.34
N PRO A 307 -16.87 27.62 12.02
CA PRO A 307 -18.08 27.17 11.31
C PRO A 307 -18.52 25.76 11.72
N LEU A 308 -19.78 25.44 11.46
CA LEU A 308 -20.20 24.04 11.37
C LEU A 308 -19.90 23.55 9.97
N ILE A 309 -19.27 22.39 9.87
CA ILE A 309 -19.07 21.77 8.59
C ILE A 309 -19.91 20.51 8.51
N ILE A 310 -20.90 20.53 7.63
CA ILE A 310 -21.77 19.36 7.44
C ILE A 310 -21.09 18.35 6.54
N ARG A 311 -21.10 17.09 6.96
CA ARG A 311 -20.39 16.05 6.24
C ARG A 311 -21.33 14.94 5.75
N PRO A 312 -21.71 14.98 4.46
CA PRO A 312 -22.35 13.78 3.89
C PRO A 312 -21.29 12.68 3.74
N ASP A 313 -21.71 11.42 3.57
CA ASP A 313 -20.75 10.32 3.51
C ASP A 313 -21.27 9.10 2.73
N SER A 314 -22.27 9.32 1.89
CA SER A 314 -22.87 8.24 1.10
C SER A 314 -23.70 8.77 -0.07
N GLY A 315 -24.06 7.85 -0.97
CA GLY A 315 -24.74 8.23 -2.20
C GLY A 315 -23.78 8.68 -3.28
N ASN A 316 -24.31 8.95 -4.47
CA ASN A 316 -23.51 9.48 -5.55
C ASN A 316 -22.87 10.79 -5.09
N PRO A 317 -21.53 10.88 -5.13
CA PRO A 317 -20.86 12.05 -4.53
C PRO A 317 -21.30 13.38 -5.15
N LEU A 318 -21.38 13.46 -6.47
CA LEU A 318 -21.81 14.71 -7.09
C LEU A 318 -23.27 15.00 -6.79
N ASP A 319 -24.13 14.02 -7.00
CA ASP A 319 -25.57 14.23 -6.77
C ASP A 319 -25.86 14.63 -5.34
N THR A 320 -25.13 14.04 -4.40
CA THR A 320 -25.36 14.31 -2.99
C THR A 320 -24.87 15.72 -2.61
N VAL A 321 -23.66 16.08 -3.04
CA VAL A 321 -23.15 17.44 -2.82
C VAL A 321 -24.13 18.50 -3.32
N LEU A 322 -24.59 18.36 -4.55
CA LEU A 322 -25.51 19.33 -5.15
C LEU A 322 -26.81 19.42 -4.38
N LYS A 323 -27.37 18.28 -3.99
CA LYS A 323 -28.64 18.30 -3.24
C LYS A 323 -28.46 18.89 -1.82
N VAL A 324 -27.34 18.58 -1.18
CA VAL A 324 -27.05 19.16 0.11
C VAL A 324 -26.94 20.68 0.00
N LEU A 325 -26.19 21.16 -0.99
CA LEU A 325 -26.11 22.62 -1.23
C LEU A 325 -27.47 23.23 -1.54
N GLU A 326 -28.27 22.55 -2.35
CA GLU A 326 -29.62 23.04 -2.70
C GLU A 326 -30.46 23.21 -1.41
N ILE A 327 -30.45 22.19 -0.55
CA ILE A 327 -31.20 22.24 0.70
C ILE A 327 -30.72 23.38 1.60
N LEU A 328 -29.41 23.48 1.83
CA LEU A 328 -28.89 24.50 2.74
C LEU A 328 -29.15 25.91 2.22
N GLY A 329 -29.14 26.06 0.90
CA GLY A 329 -29.26 27.37 0.30
C GLY A 329 -30.66 27.92 0.49
N LYS A 330 -31.60 27.03 0.76
CA LYS A 330 -32.97 27.43 0.98
C LYS A 330 -33.27 27.63 2.48
N LYS A 331 -32.42 27.10 3.35
CA LYS A 331 -32.63 27.25 4.80
C LYS A 331 -31.72 28.29 5.43
N PHE A 332 -30.67 28.69 4.70
CA PHE A 332 -29.69 29.64 5.20
C PHE A 332 -29.52 30.80 4.22
N PRO A 333 -29.13 31.97 4.73
CA PRO A 333 -28.96 33.14 3.86
C PRO A 333 -27.77 33.00 2.93
N VAL A 334 -28.04 32.84 1.65
CA VAL A 334 -27.01 32.72 0.63
C VAL A 334 -26.71 34.07 -0.01
N THR A 335 -25.44 34.34 -0.29
CA THR A 335 -25.05 35.52 -1.03
C THR A 335 -24.55 35.12 -2.41
N GLU A 336 -24.40 36.11 -3.28
CA GLU A 336 -23.75 35.87 -4.55
C GLU A 336 -22.48 36.68 -4.58
N ASN A 337 -21.35 36.01 -4.80
CA ASN A 337 -20.06 36.69 -4.79
C ASN A 337 -19.79 37.50 -6.08
N SER A 338 -18.61 38.09 -6.15
CA SER A 338 -18.33 39.04 -7.22
C SER A 338 -18.19 38.35 -8.58
N LYS A 339 -18.00 37.03 -8.56
CA LYS A 339 -17.92 36.26 -9.81
C LYS A 339 -19.27 35.71 -10.26
N GLY A 340 -20.30 35.88 -9.43
CA GLY A 340 -21.64 35.43 -9.75
C GLY A 340 -22.00 34.08 -9.15
N TYR A 341 -21.16 33.59 -8.26
CA TYR A 341 -21.37 32.27 -7.67
C TYR A 341 -21.96 32.36 -6.27
N LYS A 342 -22.77 31.37 -5.93
CA LYS A 342 -23.47 31.32 -4.66
C LYS A 342 -22.55 30.90 -3.54
N LEU A 343 -22.74 31.53 -2.39
CA LEU A 343 -21.87 31.36 -1.26
C LEU A 343 -22.71 31.23 0.03
N LEU A 344 -22.53 30.11 0.73
CA LEU A 344 -23.15 29.91 2.04
C LEU A 344 -22.63 30.95 3.03
N PRO A 345 -23.41 31.22 4.10
CA PRO A 345 -22.91 32.12 5.14
C PRO A 345 -21.64 31.56 5.77
N PRO A 346 -20.80 32.44 6.33
CA PRO A 346 -19.45 31.99 6.70
C PRO A 346 -19.37 30.98 7.86
N TYR A 347 -20.47 30.78 8.56
CA TYR A 347 -20.50 29.90 9.71
C TYR A 347 -20.91 28.48 9.29
N LEU A 348 -21.03 28.26 7.97
CA LEU A 348 -21.53 26.98 7.45
C LEU A 348 -20.78 26.55 6.18
N ARG A 349 -20.19 25.35 6.22
CA ARG A 349 -19.48 24.80 5.09
C ARG A 349 -19.80 23.32 4.96
N VAL A 350 -19.32 22.72 3.87
CA VAL A 350 -19.57 21.29 3.63
C VAL A 350 -18.23 20.58 3.39
N ILE A 351 -18.11 19.34 3.84
CA ILE A 351 -16.97 18.53 3.40
C ILE A 351 -17.46 17.19 2.84
N GLN A 352 -17.02 16.85 1.64
CA GLN A 352 -17.38 15.55 1.04
C GLN A 352 -16.17 14.65 1.16
N GLY A 353 -16.29 13.58 1.95
CA GLY A 353 -15.16 12.70 2.16
C GLY A 353 -15.41 11.24 1.89
N ASP A 354 -16.37 10.96 1.01
CA ASP A 354 -16.65 9.61 0.54
C ASP A 354 -16.49 9.52 -0.99
N GLY A 355 -15.72 8.53 -1.42
CA GLY A 355 -15.55 8.25 -2.84
C GLY A 355 -14.81 9.31 -3.63
N VAL A 356 -13.98 10.11 -2.95
CA VAL A 356 -13.17 11.12 -3.62
C VAL A 356 -11.82 10.60 -4.12
N ASP A 357 -11.62 10.66 -5.42
CA ASP A 357 -10.30 10.44 -6.02
C ASP A 357 -10.14 11.51 -7.06
N ILE A 358 -9.03 11.49 -7.78
CA ILE A 358 -8.76 12.56 -8.74
C ILE A 358 -9.87 12.73 -9.81
N ASN A 359 -10.49 11.64 -10.23
CA ASN A 359 -11.55 11.71 -11.22
C ASN A 359 -12.85 12.28 -10.66
N THR A 360 -13.25 11.81 -9.49
CA THR A 360 -14.52 12.27 -8.91
C THR A 360 -14.40 13.70 -8.35
N LEU A 361 -13.19 14.08 -7.94
CA LEU A 361 -12.97 15.46 -7.50
C LEU A 361 -13.29 16.41 -8.66
N GLN A 362 -12.74 16.09 -9.82
CA GLN A 362 -12.98 16.85 -11.03
C GLN A 362 -14.48 16.92 -11.34
N GLU A 363 -15.15 15.78 -11.27
CA GLU A 363 -16.58 15.75 -11.61
C GLU A 363 -17.41 16.63 -10.66
N ILE A 364 -17.05 16.61 -9.38
CA ILE A 364 -17.79 17.37 -8.39
C ILE A 364 -17.62 18.87 -8.57
N VAL A 365 -16.38 19.33 -8.68
CA VAL A 365 -16.14 20.78 -8.83
C VAL A 365 -16.74 21.31 -10.14
N GLU A 366 -16.70 20.50 -11.20
CA GLU A 366 -17.29 20.92 -12.46
C GLU A 366 -18.81 20.98 -12.32
N GLY A 367 -19.38 20.02 -11.61
CA GLY A 367 -20.82 20.01 -11.35
C GLY A 367 -21.25 21.21 -10.55
N MET A 368 -20.48 21.55 -9.52
CA MET A 368 -20.77 22.72 -8.69
C MET A 368 -20.70 23.97 -9.53
N LYS A 369 -19.68 24.07 -10.37
CA LYS A 369 -19.54 25.25 -11.22
C LYS A 369 -20.75 25.41 -12.14
N GLN A 370 -21.24 24.30 -12.69
CA GLN A 370 -22.39 24.37 -13.61
C GLN A 370 -23.65 24.83 -12.89
N LYS A 371 -23.78 24.48 -11.62
CA LYS A 371 -24.96 24.88 -10.84
C LYS A 371 -24.71 26.17 -10.04
N MET A 372 -23.63 26.86 -10.40
CA MET A 372 -23.31 28.18 -9.88
C MET A 372 -23.00 28.25 -8.39
N TRP A 373 -22.43 27.17 -7.85
CA TRP A 373 -21.99 27.13 -6.46
C TRP A 373 -20.48 27.37 -6.38
N SER A 374 -20.05 28.31 -5.56
CA SER A 374 -18.62 28.54 -5.46
C SER A 374 -17.91 27.37 -4.76
N ILE A 375 -16.68 27.09 -5.17
CA ILE A 375 -15.87 26.08 -4.52
C ILE A 375 -15.45 26.55 -3.12
N GLU A 376 -15.65 27.83 -2.83
CA GLU A 376 -15.46 28.32 -1.45
C GLU A 376 -16.29 27.51 -0.43
N ASN A 377 -17.41 26.98 -0.89
CA ASN A 377 -18.38 26.30 -0.02
C ASN A 377 -17.95 24.93 0.51
N ILE A 378 -16.96 24.34 -0.13
CA ILE A 378 -16.70 22.92 0.04
C ILE A 378 -15.22 22.61 0.23
N ALA A 379 -14.95 21.52 0.96
CA ALA A 379 -13.63 20.93 1.01
C ALA A 379 -13.81 19.44 0.83
N PHE A 380 -12.70 18.76 0.58
CA PHE A 380 -12.76 17.34 0.28
C PHE A 380 -11.89 16.55 1.23
N GLY A 381 -12.38 15.40 1.64
CA GLY A 381 -11.56 14.42 2.35
C GLY A 381 -11.32 13.24 1.40
N SER A 382 -10.12 12.68 1.43
CA SER A 382 -9.84 11.54 0.57
C SER A 382 -8.99 10.57 1.35
N GLY A 383 -9.36 9.29 1.28
CA GLY A 383 -8.72 8.25 2.05
C GLY A 383 -8.03 7.28 1.12
N GLY A 384 -8.73 6.20 0.74
CA GLY A 384 -8.15 5.19 -0.15
C GLY A 384 -7.65 5.76 -1.45
N GLY A 385 -8.44 6.66 -2.04
CA GLY A 385 -8.09 7.30 -3.29
C GLY A 385 -6.79 8.10 -3.23
N LEU A 386 -6.52 8.67 -2.07
CA LEU A 386 -5.38 9.54 -1.89
C LEU A 386 -4.09 8.77 -1.57
N LEU A 387 -4.21 7.70 -0.76
CA LEU A 387 -3.02 7.04 -0.20
C LEU A 387 -2.83 5.56 -0.60
N GLN A 388 -3.89 4.90 -1.06
CA GLN A 388 -3.81 3.47 -1.33
C GLN A 388 -4.06 3.07 -2.78
N LYS A 389 -4.96 3.77 -3.47
CA LYS A 389 -5.35 3.37 -4.83
C LYS A 389 -4.36 3.93 -5.86
N LEU A 390 -3.11 3.51 -5.71
CA LEU A 390 -2.00 3.96 -6.53
C LEU A 390 -1.04 2.78 -6.70
N THR A 391 -0.43 2.66 -7.88
CA THR A 391 0.56 1.62 -8.12
C THR A 391 1.78 2.20 -8.82
N ARG A 392 2.78 1.36 -8.96
CA ARG A 392 4.07 1.77 -9.49
C ARG A 392 3.97 1.98 -11.01
N ASP A 393 2.98 1.36 -11.64
CA ASP A 393 2.80 1.60 -13.07
C ASP A 393 2.04 2.89 -13.42
N LEU A 394 1.46 3.58 -12.43
CA LEU A 394 0.79 4.85 -12.73
C LEU A 394 1.75 5.83 -13.41
N LEU A 395 2.96 5.95 -12.86
CA LEU A 395 3.97 6.83 -13.44
C LEU A 395 5.16 6.06 -14.04
N ASN A 396 5.01 4.75 -14.14
CA ASN A 396 6.08 3.88 -14.60
C ASN A 396 7.44 4.13 -13.95
N CYS A 397 7.43 4.18 -12.62
CA CYS A 397 8.65 4.33 -11.83
C CYS A 397 9.51 3.08 -11.96
N SER A 398 10.76 3.26 -12.41
CA SER A 398 11.53 2.13 -12.86
C SER A 398 13.02 2.38 -12.71
N PHE A 399 13.77 1.32 -12.43
CA PHE A 399 15.20 1.41 -12.15
C PHE A 399 15.88 0.46 -13.14
N LYS A 400 16.86 0.97 -13.90
CA LYS A 400 17.52 0.16 -14.95
C LYS A 400 19.00 0.44 -14.99
N CYS A 401 19.79 -0.59 -15.29
CA CYS A 401 21.23 -0.43 -15.55
C CYS A 401 21.46 0.22 -16.92
N SER A 402 22.24 1.31 -16.96
CA SER A 402 22.55 1.98 -18.25
C SER A 402 24.03 1.98 -18.65
N TYR A 403 24.92 1.63 -17.73
CA TYR A 403 26.34 1.70 -18.01
C TYR A 403 27.09 0.69 -17.15
N VAL A 404 27.99 -0.06 -17.79
CA VAL A 404 28.90 -0.90 -17.03
C VAL A 404 30.33 -0.70 -17.50
N VAL A 405 31.28 -1.07 -16.65
CA VAL A 405 32.67 -1.13 -17.10
C VAL A 405 33.16 -2.57 -16.97
N THR A 406 33.65 -3.13 -18.08
CA THR A 406 34.08 -4.52 -18.11
C THR A 406 35.46 -4.54 -18.79
N ASN A 407 36.41 -5.25 -18.19
CA ASN A 407 37.80 -5.19 -18.66
C ASN A 407 38.31 -3.78 -18.90
N GLY A 408 37.87 -2.84 -18.06
CA GLY A 408 38.34 -1.47 -18.10
C GLY A 408 37.74 -0.59 -19.19
N LEU A 409 36.79 -1.14 -19.94
CA LEU A 409 36.12 -0.44 -21.02
C LEU A 409 34.65 -0.21 -20.64
N GLY A 410 34.20 1.04 -20.70
CA GLY A 410 32.81 1.31 -20.40
C GLY A 410 31.93 0.98 -21.59
N ILE A 411 30.77 0.39 -21.34
CA ILE A 411 29.83 0.19 -22.43
C ILE A 411 28.44 0.66 -22.02
N ASN A 412 27.72 1.22 -22.99
CA ASN A 412 26.40 1.77 -22.73
C ASN A 412 25.40 0.66 -22.95
N VAL A 413 24.60 0.38 -21.93
CA VAL A 413 23.71 -0.77 -22.02
C VAL A 413 22.25 -0.36 -21.78
N PHE A 414 21.33 -1.23 -22.18
CA PHE A 414 19.90 -0.88 -22.24
C PHE A 414 19.10 -2.10 -22.61
N LYS A 415 17.79 -2.02 -22.36
CA LYS A 415 16.84 -3.00 -22.88
C LYS A 415 15.97 -2.30 -23.93
N ASP A 416 15.40 -3.07 -24.84
CA ASP A 416 14.58 -2.51 -25.90
C ASP A 416 13.67 -3.60 -26.47
N PRO A 417 12.68 -4.01 -25.68
CA PRO A 417 11.90 -5.19 -26.07
C PRO A 417 11.14 -4.96 -27.36
N VAL A 418 11.21 -5.92 -28.28
CA VAL A 418 10.63 -5.76 -29.61
C VAL A 418 9.13 -5.42 -29.57
N ALA A 419 8.39 -6.01 -28.64
CA ALA A 419 6.94 -5.85 -28.63
C ALA A 419 6.47 -4.69 -27.77
N ASP A 420 7.39 -4.00 -27.09
CA ASP A 420 6.97 -2.86 -26.28
C ASP A 420 8.02 -1.74 -26.21
N PRO A 421 7.98 -0.83 -27.20
CA PRO A 421 8.91 0.31 -27.24
C PRO A 421 8.82 1.21 -26.01
N ASN A 422 7.69 1.17 -25.28
CA ASN A 422 7.51 1.97 -24.08
C ASN A 422 8.43 1.51 -22.96
N LYS A 423 8.98 0.30 -23.10
CA LYS A 423 9.86 -0.26 -22.07
C LYS A 423 11.35 -0.09 -22.37
N ARG A 424 11.66 0.61 -23.45
CA ARG A 424 13.05 0.90 -23.79
C ARG A 424 13.68 1.76 -22.70
N SER A 425 14.89 1.39 -22.31
CA SER A 425 15.62 2.19 -21.32
C SER A 425 16.75 3.04 -21.93
N LYS A 426 17.28 3.96 -21.14
CA LYS A 426 18.28 4.94 -21.58
C LYS A 426 19.67 4.32 -21.60
N LYS A 427 20.59 4.91 -22.35
CA LYS A 427 21.91 4.31 -22.59
C LYS A 427 23.01 5.13 -21.98
N GLY A 428 23.94 4.49 -21.26
CA GLY A 428 25.14 5.15 -20.81
C GLY A 428 25.01 6.03 -19.58
N ARG A 429 26.05 6.82 -19.32
CA ARG A 429 26.03 7.74 -18.19
C ARG A 429 25.07 8.92 -18.45
N LEU A 430 24.31 9.29 -17.42
CA LEU A 430 23.22 10.25 -17.61
C LEU A 430 23.40 11.51 -16.80
N SER A 431 22.76 12.58 -17.26
CA SER A 431 22.73 13.84 -16.51
C SER A 431 21.46 14.58 -16.87
N LEU A 432 21.01 15.43 -15.94
CA LEU A 432 19.78 16.21 -16.14
C LEU A 432 20.15 17.69 -16.25
N HIS A 433 19.56 18.37 -17.24
CA HIS A 433 19.91 19.77 -17.51
C HIS A 433 18.71 20.63 -17.83
N ARG A 434 18.87 21.93 -17.61
CA ARG A 434 17.94 22.90 -18.15
C ARG A 434 18.19 23.11 -19.63
N THR A 435 17.09 23.23 -20.39
CA THR A 435 17.20 23.55 -21.81
C THR A 435 17.29 25.06 -21.97
N PRO A 436 17.60 25.55 -23.19
CA PRO A 436 17.64 26.99 -23.38
C PRO A 436 16.30 27.67 -23.09
N ALA A 437 15.20 26.95 -23.27
CA ALA A 437 13.88 27.50 -23.00
C ALA A 437 13.43 27.31 -21.55
N GLY A 438 14.27 26.68 -20.73
CA GLY A 438 13.97 26.55 -19.32
C GLY A 438 13.32 25.24 -18.91
N ASN A 439 13.15 24.32 -19.85
CA ASN A 439 12.60 23.01 -19.57
C ASN A 439 13.69 22.07 -19.09
N PHE A 440 13.39 20.77 -19.07
CA PHE A 440 14.39 19.77 -18.68
C PHE A 440 14.76 18.86 -19.82
N VAL A 441 15.99 18.36 -19.78
CA VAL A 441 16.42 17.31 -20.71
C VAL A 441 17.40 16.36 -20.04
N THR A 442 17.27 15.08 -20.36
CA THR A 442 18.23 14.09 -19.89
C THR A 442 19.18 13.75 -21.03
N LEU A 443 20.47 14.00 -20.80
CA LEU A 443 21.51 13.63 -21.76
C LEU A 443 22.03 12.22 -21.49
N GLU A 444 22.11 11.45 -22.56
CA GLU A 444 22.58 10.07 -22.50
C GLU A 444 24.00 9.95 -22.99
N GLU A 445 24.58 8.75 -22.81
CA GLU A 445 25.87 8.39 -23.40
C GLU A 445 27.02 9.29 -22.93
N GLY A 446 26.87 9.86 -21.74
CA GLY A 446 27.91 10.66 -21.13
C GLY A 446 28.03 12.04 -21.77
N LYS A 447 27.04 12.40 -22.59
CA LYS A 447 27.09 13.65 -23.36
C LYS A 447 27.10 14.91 -22.49
N GLY A 448 26.62 14.81 -21.25
CA GLY A 448 26.72 15.91 -20.32
C GLY A 448 28.13 16.43 -20.17
N ASP A 449 29.11 15.56 -20.39
CA ASP A 449 30.54 15.90 -20.26
C ASP A 449 30.98 16.94 -21.28
N LEU A 450 30.21 17.10 -22.35
CA LEU A 450 30.54 18.08 -23.37
C LEU A 450 30.24 19.48 -22.88
N GLU A 451 29.47 19.59 -21.80
CA GLU A 451 29.17 20.87 -21.16
C GLU A 451 28.52 21.87 -22.10
N GLU A 452 27.68 21.36 -22.99
CA GLU A 452 26.92 22.21 -23.89
C GLU A 452 25.63 22.69 -23.24
N TYR A 453 25.27 22.08 -22.11
CA TYR A 453 23.97 22.34 -21.48
C TYR A 453 24.01 22.80 -20.05
N GLY A 454 25.07 23.49 -19.65
CA GLY A 454 25.10 24.01 -18.28
C GLY A 454 25.18 22.88 -17.26
N GLN A 455 24.92 23.21 -16.01
CA GLN A 455 25.25 22.28 -14.94
C GLN A 455 24.27 21.12 -14.80
N ASP A 456 24.80 19.95 -14.43
CA ASP A 456 24.00 18.80 -14.08
C ASP A 456 23.16 19.14 -12.85
N LEU A 457 21.87 18.89 -12.93
CA LEU A 457 20.95 19.19 -11.83
C LEU A 457 20.89 18.09 -10.78
N LEU A 458 21.49 16.93 -11.06
CA LEU A 458 21.66 15.88 -10.07
C LEU A 458 22.79 16.23 -9.11
N HIS A 459 22.55 16.06 -7.81
CA HIS A 459 23.56 16.31 -6.78
C HIS A 459 23.85 15.03 -6.01
N THR A 460 25.09 14.81 -5.61
CA THR A 460 25.37 13.70 -4.69
C THR A 460 24.63 13.83 -3.35
N VAL A 461 23.75 12.87 -3.06
CA VAL A 461 23.00 12.84 -1.82
C VAL A 461 23.45 11.71 -0.88
N PHE A 462 24.16 10.73 -1.42
CA PHE A 462 24.64 9.61 -0.62
C PHE A 462 25.98 9.17 -1.19
N LYS A 463 26.97 9.00 -0.31
CA LYS A 463 28.26 8.46 -0.73
C LYS A 463 28.94 7.68 0.39
N ASN A 464 29.28 6.43 0.11
CA ASN A 464 30.03 5.59 1.04
C ASN A 464 29.45 5.58 2.45
N GLY A 465 28.12 5.43 2.53
CA GLY A 465 27.48 5.27 3.83
C GLY A 465 27.04 6.56 4.51
N LYS A 466 27.33 7.71 3.89
CA LYS A 466 26.97 8.99 4.48
C LYS A 466 25.95 9.73 3.63
N VAL A 467 24.98 10.37 4.28
CA VAL A 467 24.07 11.27 3.57
C VAL A 467 24.78 12.59 3.38
N THR A 468 24.92 13.02 2.13
CA THR A 468 25.81 14.14 1.83
C THR A 468 25.10 15.48 1.56
N LYS A 469 23.80 15.42 1.32
CA LYS A 469 23.01 16.61 0.99
C LYS A 469 21.57 16.28 1.38
N SER A 470 20.95 17.17 2.16
CA SER A 470 19.60 17.00 2.71
C SER A 470 18.73 18.22 2.43
N TYR A 471 17.41 18.02 2.41
CA TYR A 471 16.44 19.09 2.20
C TYR A 471 15.47 19.14 3.37
N SER A 472 15.11 20.35 3.80
CA SER A 472 14.06 20.47 4.80
C SER A 472 12.71 20.33 4.09
N PHE A 473 11.67 20.09 4.88
CA PHE A 473 10.34 19.96 4.31
C PHE A 473 9.87 21.31 3.75
N ASP A 474 10.34 22.39 4.34
CA ASP A 474 9.99 23.71 3.84
C ASP A 474 10.54 23.93 2.44
N GLU A 475 11.78 23.51 2.18
CA GLU A 475 12.38 23.61 0.86
C GLU A 475 11.64 22.77 -0.16
N ILE A 476 11.29 21.56 0.26
CA ILE A 476 10.55 20.66 -0.61
C ILE A 476 9.21 21.27 -1.04
N ARG A 477 8.48 21.83 -0.08
CA ARG A 477 7.21 22.48 -0.37
C ARG A 477 7.37 23.62 -1.37
N LYS A 478 8.43 24.40 -1.19
CA LYS A 478 8.72 25.51 -2.09
C LYS A 478 8.97 25.00 -3.49
N ASN A 479 9.77 23.93 -3.61
CA ASN A 479 10.04 23.36 -4.91
C ASN A 479 8.80 22.82 -5.62
N ALA A 480 7.82 22.32 -4.84
CA ALA A 480 6.65 21.67 -5.43
C ALA A 480 5.48 22.63 -5.67
N GLN A 481 5.66 23.93 -5.45
CA GLN A 481 4.59 24.91 -5.71
C GLN A 481 4.00 24.84 -7.13
N LEU A 482 2.69 25.09 -7.23
CA LEU A 482 2.02 25.18 -8.53
C LEU A 482 2.49 26.46 -9.25
N ASN A 483 2.50 26.44 -10.57
CA ASN A 483 2.75 27.68 -11.34
C ASN A 483 1.74 28.77 -10.94
N ILE A 484 0.48 28.39 -10.83
CA ILE A 484 -0.59 29.36 -10.50
C ILE A 484 -0.37 30.03 -9.14
N GLU A 485 0.25 29.31 -8.20
CA GLU A 485 0.61 29.87 -6.90
C GLU A 485 1.78 30.83 -7.08
N LEU A 486 2.75 30.44 -7.90
CA LEU A 486 3.89 31.29 -8.23
C LEU A 486 3.40 32.61 -8.86
N GLU A 487 2.33 32.51 -9.64
CA GLU A 487 1.71 33.69 -10.25
C GLU A 487 0.74 34.34 -9.26
N GLU B 8 10.18 5.15 18.28
CA GLU B 8 9.43 4.03 18.80
C GLU B 8 7.93 4.25 18.61
N PHE B 9 7.19 3.15 18.45
CA PHE B 9 5.76 3.24 18.18
C PHE B 9 4.99 3.77 19.39
N ASN B 10 4.04 4.65 19.12
CA ASN B 10 3.21 5.25 20.14
C ASN B 10 1.73 5.16 19.77
N ILE B 11 1.01 4.25 20.42
CA ILE B 11 -0.40 4.01 20.15
C ILE B 11 -1.31 5.25 20.30
N LEU B 12 -0.88 6.21 21.13
CA LEU B 12 -1.60 7.46 21.31
C LEU B 12 -1.49 8.34 20.06
N LEU B 13 -0.51 8.06 19.22
CA LEU B 13 -0.32 8.78 17.96
C LEU B 13 -0.60 7.89 16.75
N ALA B 14 -1.35 6.82 16.97
CA ALA B 14 -1.61 5.86 15.90
C ALA B 14 -3.11 5.71 15.67
N THR B 15 -3.81 6.83 15.67
CA THR B 15 -5.24 6.84 15.37
C THR B 15 -5.51 7.99 14.41
N ASP B 16 -6.68 7.98 13.77
CA ASP B 16 -7.14 9.12 12.99
C ASP B 16 -7.26 10.31 13.93
N SER B 17 -6.76 11.46 13.50
CA SER B 17 -6.78 12.63 14.36
C SER B 17 -8.13 12.94 15.02
N TYR B 18 -9.24 12.86 14.26
CA TYR B 18 -10.53 13.26 14.81
C TYR B 18 -10.96 12.40 16.00
N LYS B 19 -10.45 11.18 16.08
CA LYS B 19 -10.78 10.30 17.21
C LYS B 19 -10.26 10.83 18.54
N VAL B 20 -9.23 11.69 18.51
CA VAL B 20 -8.78 12.37 19.72
C VAL B 20 -9.93 13.15 20.37
N THR B 21 -10.90 13.59 19.56
CA THR B 21 -11.98 14.45 20.06
C THR B 21 -13.25 13.69 20.41
N HIS B 22 -13.27 12.39 20.15
CA HIS B 22 -14.50 11.63 20.34
C HIS B 22 -14.95 11.39 21.78
N TYR B 23 -14.02 11.36 22.74
CA TYR B 23 -14.40 11.12 24.13
C TYR B 23 -15.37 12.20 24.63
N LYS B 24 -15.36 13.36 23.97
CA LYS B 24 -16.26 14.46 24.31
C LYS B 24 -17.61 14.41 23.59
N GLN B 25 -17.83 13.43 22.73
CA GLN B 25 -19.01 13.42 21.85
C GLN B 25 -20.04 12.32 22.15
N TYR B 26 -19.58 11.25 22.81
CA TYR B 26 -20.48 10.15 23.17
C TYR B 26 -21.50 10.63 24.21
N PRO B 27 -22.64 9.92 24.33
CA PRO B 27 -23.62 10.29 25.36
C PRO B 27 -23.00 10.28 26.75
N PRO B 28 -23.26 11.31 27.56
CA PRO B 28 -22.85 11.26 28.96
C PRO B 28 -23.24 9.95 29.63
N ASN B 29 -22.37 9.49 30.54
CA ASN B 29 -22.58 8.27 31.29
C ASN B 29 -22.58 7.02 30.45
N THR B 30 -21.78 7.00 29.40
CA THR B 30 -21.63 5.80 28.59
C THR B 30 -20.52 4.96 29.18
N SER B 31 -20.83 3.69 29.46
CA SER B 31 -19.90 2.79 30.13
C SER B 31 -19.37 1.70 29.21
N LYS B 32 -20.04 1.50 28.08
CA LYS B 32 -19.60 0.46 27.14
C LYS B 32 -19.79 0.90 25.72
N VAL B 33 -18.75 0.72 24.91
CA VAL B 33 -18.87 0.84 23.47
C VAL B 33 -18.37 -0.47 22.88
N TYR B 34 -19.23 -1.10 22.08
CA TYR B 34 -18.97 -2.42 21.46
C TYR B 34 -19.07 -2.28 19.95
N SER B 35 -17.99 -2.71 19.26
CA SER B 35 -17.88 -2.54 17.83
C SER B 35 -17.47 -3.86 17.16
N TYR B 36 -17.66 -3.96 15.84
CA TYR B 36 -17.35 -5.20 15.12
C TYR B 36 -16.77 -4.92 13.74
N PHE B 37 -16.12 -5.92 13.16
CA PHE B 37 -15.50 -5.80 11.84
C PHE B 37 -16.12 -6.86 10.95
N GLU B 38 -16.46 -6.47 9.72
CA GLU B 38 -16.95 -7.41 8.72
C GLU B 38 -16.38 -7.02 7.34
N CYS B 39 -16.44 -7.96 6.39
CA CYS B 39 -16.25 -7.62 4.99
C CYS B 39 -17.65 -7.50 4.40
N ARG B 40 -18.16 -6.27 4.43
CA ARG B 40 -19.57 -6.01 4.20
C ARG B 40 -20.04 -6.51 2.83
N GLU B 41 -21.21 -7.10 2.82
CA GLU B 41 -21.82 -7.63 1.62
C GLU B 41 -22.26 -6.50 0.70
N LYS B 42 -22.17 -6.74 -0.60
CA LYS B 42 -22.65 -5.83 -1.64
C LYS B 42 -23.97 -6.32 -2.22
N LYS B 53 -18.25 -11.44 -7.38
CA LYS B 53 -16.85 -11.77 -7.13
C LYS B 53 -16.52 -11.59 -5.64
N TYR B 54 -15.54 -12.36 -5.16
CA TYR B 54 -15.12 -12.33 -3.76
C TYR B 54 -16.25 -12.59 -2.77
N GLU B 55 -16.97 -13.67 -3.00
CA GLU B 55 -18.05 -14.09 -2.11
C GLU B 55 -17.59 -14.54 -0.74
N GLU B 56 -16.32 -14.91 -0.60
CA GLU B 56 -15.80 -15.40 0.67
C GLU B 56 -14.39 -14.85 0.90
N THR B 57 -14.04 -14.63 2.17
CA THR B 57 -12.78 -13.97 2.50
C THR B 57 -11.99 -14.85 3.44
N VAL B 58 -10.66 -14.79 3.34
CA VAL B 58 -9.76 -15.47 4.27
C VAL B 58 -9.44 -14.50 5.42
N PHE B 59 -9.73 -14.90 6.65
CA PHE B 59 -9.40 -14.03 7.78
C PHE B 59 -7.95 -14.25 8.22
N TYR B 60 -7.11 -13.24 8.01
CA TYR B 60 -5.69 -13.38 8.31
C TYR B 60 -5.09 -12.02 8.65
N GLY B 61 -4.28 -11.99 9.70
CA GLY B 61 -3.40 -10.84 9.98
C GLY B 61 -3.62 -10.07 11.29
N LEU B 62 -4.73 -10.38 11.97
CA LEU B 62 -5.04 -9.73 13.23
C LEU B 62 -3.97 -10.05 14.31
N GLN B 63 -3.52 -11.30 14.32
CA GLN B 63 -2.51 -11.76 15.28
C GLN B 63 -1.23 -10.91 15.21
N TYR B 64 -0.81 -10.57 14.00
CA TYR B 64 0.31 -9.67 13.80
C TYR B 64 0.08 -8.33 14.50
N ILE B 65 -1.08 -7.74 14.29
CA ILE B 65 -1.41 -6.46 14.90
C ILE B 65 -1.48 -6.53 16.42
N LEU B 66 -2.12 -7.58 16.95
CA LEU B 66 -2.23 -7.70 18.42
C LEU B 66 -0.86 -7.75 19.07
N ASN B 67 0.03 -8.58 18.52
CA ASN B 67 1.35 -8.76 19.09
C ASN B 67 2.28 -7.58 18.86
N LYS B 68 2.26 -7.02 17.66
CA LYS B 68 3.23 -5.96 17.39
C LYS B 68 2.85 -4.63 18.04
N TYR B 69 1.55 -4.34 18.13
CA TYR B 69 1.11 -3.00 18.50
C TYR B 69 0.21 -2.87 19.73
N LEU B 70 -0.53 -3.92 20.08
CA LEU B 70 -1.56 -3.75 21.09
C LEU B 70 -1.27 -4.39 22.43
N LYS B 71 -0.42 -5.42 22.46
CA LYS B 71 -0.22 -6.17 23.69
C LYS B 71 0.81 -5.55 24.62
N GLY B 72 0.66 -5.85 25.90
CA GLY B 72 1.61 -5.42 26.92
C GLY B 72 1.52 -3.94 27.29
N LYS B 73 2.62 -3.41 27.83
CA LYS B 73 2.60 -2.01 28.26
C LYS B 73 2.75 -1.09 27.06
N VAL B 74 1.65 -0.48 26.65
CA VAL B 74 1.69 0.35 25.44
C VAL B 74 1.53 1.83 25.76
N VAL B 75 1.30 2.13 27.04
CA VAL B 75 1.24 3.51 27.51
C VAL B 75 2.36 3.76 28.52
N THR B 76 3.08 4.86 28.36
CA THR B 76 4.04 5.32 29.36
C THR B 76 3.81 6.81 29.60
N LYS B 77 4.39 7.35 30.67
CA LYS B 77 4.34 8.80 30.94
C LYS B 77 4.88 9.57 29.75
N GLU B 78 6.01 9.12 29.21
CA GLU B 78 6.66 9.79 28.09
C GLU B 78 5.76 9.81 26.85
N LYS B 79 5.11 8.68 26.59
CA LYS B 79 4.20 8.58 25.45
C LYS B 79 3.00 9.51 25.56
N ILE B 80 2.47 9.64 26.78
CA ILE B 80 1.36 10.54 27.03
C ILE B 80 1.79 12.00 26.81
N GLN B 81 2.97 12.37 27.32
CA GLN B 81 3.45 13.74 27.16
C GLN B 81 3.75 14.08 25.70
N GLU B 82 4.29 13.10 24.96
CA GLU B 82 4.57 13.31 23.55
C GLU B 82 3.28 13.60 22.81
N ALA B 83 2.27 12.78 23.06
CA ALA B 83 1.02 12.92 22.32
C ALA B 83 0.32 14.24 22.66
N LYS B 84 0.37 14.60 23.94
CA LYS B 84 -0.18 15.87 24.39
C LYS B 84 0.48 17.03 23.64
N ASP B 85 1.81 16.99 23.55
CA ASP B 85 2.59 18.03 22.88
C ASP B 85 2.29 18.11 21.38
N VAL B 86 2.20 16.96 20.73
CA VAL B 86 1.90 16.91 19.30
C VAL B 86 0.47 17.40 19.02
N TYR B 87 -0.50 16.93 19.77
CA TYR B 87 -1.88 17.29 19.48
C TYR B 87 -2.19 18.77 19.77
N LYS B 88 -1.49 19.37 20.73
CA LYS B 88 -1.67 20.79 21.00
C LYS B 88 -1.37 21.60 19.74
N GLU B 89 -0.30 21.24 19.04
CA GLU B 89 0.08 21.92 17.79
C GLU B 89 -0.79 21.52 16.59
N HIS B 90 -1.12 20.24 16.52
CA HIS B 90 -1.84 19.67 15.37
C HIS B 90 -3.26 20.21 15.32
N PHE B 91 -3.90 20.40 16.48
CA PHE B 91 -5.24 20.98 16.55
C PHE B 91 -5.24 22.50 16.83
N GLN B 92 -4.07 23.05 17.15
CA GLN B 92 -3.97 24.44 17.65
C GLN B 92 -4.91 24.67 18.81
N ASP B 93 -4.96 23.67 19.69
CA ASP B 93 -5.86 23.67 20.83
C ASP B 93 -5.61 22.46 21.70
N ASP B 94 -6.09 22.52 22.94
CA ASP B 94 -5.92 21.44 23.90
C ASP B 94 -7.19 20.61 24.00
N VAL B 95 -7.27 19.56 23.19
CA VAL B 95 -8.45 18.69 23.20
C VAL B 95 -8.11 17.23 23.59
N PHE B 96 -6.82 16.95 23.73
CA PHE B 96 -6.36 15.59 24.05
C PHE B 96 -6.76 15.03 25.45
N ASN B 97 -7.27 13.80 25.49
CA ASN B 97 -7.72 13.15 26.73
C ASN B 97 -6.57 12.64 27.60
N GLU B 98 -5.81 13.57 28.19
CA GLU B 98 -4.67 13.20 29.00
C GLU B 98 -5.10 12.37 30.22
N LYS B 99 -6.21 12.77 30.83
CA LYS B 99 -6.73 12.06 32.00
C LYS B 99 -7.07 10.60 31.71
N GLY B 100 -7.73 10.36 30.58
CA GLY B 100 -8.12 9.01 30.22
C GLY B 100 -6.93 8.10 30.02
N TRP B 101 -5.91 8.60 29.34
CA TRP B 101 -4.70 7.79 29.12
C TRP B 101 -3.91 7.59 30.41
N ASN B 102 -3.85 8.63 31.23
CA ASN B 102 -3.27 8.45 32.56
C ASN B 102 -3.95 7.38 33.43
N TYR B 103 -5.27 7.28 33.34
CA TYR B 103 -6.02 6.27 34.08
C TYR B 103 -5.55 4.86 33.69
N ILE B 104 -5.38 4.62 32.39
CA ILE B 104 -4.89 3.32 31.93
C ILE B 104 -3.48 3.02 32.43
N LEU B 105 -2.62 4.02 32.36
CA LEU B 105 -1.26 3.87 32.86
C LEU B 105 -1.26 3.51 34.34
N GLU B 106 -2.00 4.26 35.13
CA GLU B 106 -1.97 4.07 36.57
C GLU B 106 -2.70 2.82 37.05
N LYS B 107 -3.86 2.55 36.47
CA LYS B 107 -4.69 1.43 36.92
C LYS B 107 -4.23 0.06 36.39
N TYR B 108 -3.74 0.03 35.16
CA TYR B 108 -3.44 -1.23 34.47
C TYR B 108 -1.99 -1.35 34.01
N ASP B 109 -1.10 -0.54 34.59
CA ASP B 109 0.31 -0.50 34.14
C ASP B 109 0.41 -0.39 32.62
N GLY B 110 -0.46 0.44 32.04
CA GLY B 110 -0.42 0.76 30.63
C GLY B 110 -0.88 -0.33 29.68
N HIS B 111 -1.55 -1.35 30.21
CA HIS B 111 -2.14 -2.41 29.39
C HIS B 111 -3.58 -2.04 29.02
N LEU B 112 -3.96 -2.26 27.77
CA LEU B 112 -5.29 -1.84 27.31
C LEU B 112 -6.46 -2.67 27.85
N PRO B 113 -7.40 -2.01 28.53
CA PRO B 113 -8.56 -2.76 29.04
C PRO B 113 -9.62 -2.96 27.94
N ILE B 114 -9.29 -3.90 27.06
CA ILE B 114 -10.03 -4.19 25.86
C ILE B 114 -10.16 -5.70 25.74
N GLU B 115 -11.31 -6.17 25.24
CA GLU B 115 -11.47 -7.58 24.92
C GLU B 115 -11.84 -7.70 23.45
N ILE B 116 -11.13 -8.57 22.73
CA ILE B 116 -11.37 -8.77 21.30
C ILE B 116 -11.67 -10.24 21.07
N LYS B 117 -12.77 -10.53 20.38
CA LYS B 117 -13.13 -11.89 20.00
C LYS B 117 -13.01 -11.99 18.48
N ALA B 118 -12.55 -13.13 17.98
CA ALA B 118 -12.31 -13.27 16.54
C ALA B 118 -12.48 -14.70 16.03
N VAL B 119 -12.84 -14.82 14.75
N VAL B 119 -12.85 -14.82 14.76
CA VAL B 119 -12.81 -16.09 14.05
CA VAL B 119 -12.89 -16.10 14.05
C VAL B 119 -11.37 -16.55 13.92
C VAL B 119 -11.43 -16.55 13.79
N PRO B 120 -11.15 -17.86 13.86
CA PRO B 120 -9.77 -18.34 13.76
C PRO B 120 -9.06 -17.87 12.49
N GLU B 121 -7.77 -17.60 12.59
CA GLU B 121 -7.02 -17.18 11.41
C GLU B 121 -6.94 -18.29 10.39
N GLY B 122 -7.08 -17.89 9.13
CA GLY B 122 -7.08 -18.80 8.01
C GLY B 122 -8.51 -19.20 7.65
N PHE B 123 -9.48 -18.94 8.54
CA PHE B 123 -10.88 -19.30 8.26
C PHE B 123 -11.38 -18.60 7.01
N VAL B 124 -12.17 -19.34 6.23
CA VAL B 124 -12.76 -18.85 5.00
C VAL B 124 -14.26 -18.64 5.23
N ILE B 125 -14.69 -17.38 5.22
CA ILE B 125 -16.04 -17.03 5.67
C ILE B 125 -16.73 -16.18 4.62
N PRO B 126 -18.01 -16.45 4.36
CA PRO B 126 -18.71 -15.61 3.37
C PRO B 126 -18.83 -14.14 3.81
N ARG B 127 -18.95 -13.27 2.81
CA ARG B 127 -19.14 -11.84 3.08
C ARG B 127 -20.30 -11.56 4.02
N GLY B 128 -20.19 -10.49 4.80
CA GLY B 128 -21.29 -10.03 5.62
C GLY B 128 -21.41 -10.74 6.95
N ASN B 129 -20.34 -11.39 7.38
CA ASN B 129 -20.30 -12.01 8.69
C ASN B 129 -19.39 -11.29 9.66
N VAL B 130 -19.73 -11.33 10.95
CA VAL B 130 -18.81 -10.78 11.94
C VAL B 130 -17.51 -11.57 11.96
N LEU B 131 -16.37 -10.87 11.88
CA LEU B 131 -15.06 -11.52 11.88
C LEU B 131 -14.33 -11.29 13.19
N PHE B 132 -14.46 -10.08 13.74
CA PHE B 132 -14.03 -9.84 15.11
C PHE B 132 -14.88 -8.77 15.79
N THR B 133 -14.89 -8.80 17.11
CA THR B 133 -15.54 -7.76 17.93
C THR B 133 -14.59 -7.17 18.95
N VAL B 134 -14.87 -5.94 19.36
CA VAL B 134 -14.02 -5.18 20.28
C VAL B 134 -14.91 -4.45 21.29
N GLU B 135 -14.57 -4.52 22.58
CA GLU B 135 -15.27 -3.77 23.62
C GLU B 135 -14.34 -3.47 24.78
N ASN B 136 -14.61 -2.38 25.50
CA ASN B 136 -13.86 -2.04 26.68
C ASN B 136 -14.26 -2.90 27.88
N THR B 137 -13.32 -3.18 28.76
CA THR B 137 -13.57 -4.01 29.93
C THR B 137 -13.62 -3.17 31.22
N ASP B 138 -13.45 -1.86 31.09
CA ASP B 138 -13.55 -0.93 32.20
C ASP B 138 -14.40 0.25 31.74
N PRO B 139 -15.45 0.60 32.51
CA PRO B 139 -16.38 1.67 32.09
C PRO B 139 -15.69 3.00 31.83
N GLU B 140 -14.58 3.27 32.51
CA GLU B 140 -13.85 4.51 32.31
C GLU B 140 -13.28 4.60 30.90
N CYS B 141 -13.11 3.44 30.27
CA CYS B 141 -12.44 3.39 28.96
C CYS B 141 -13.38 3.09 27.80
N TYR B 142 -14.61 3.61 27.87
CA TYR B 142 -15.61 3.54 26.81
C TYR B 142 -15.11 4.11 25.48
N TRP B 143 -14.23 5.10 25.59
CA TRP B 143 -13.68 5.81 24.42
C TRP B 143 -12.57 5.02 23.71
N LEU B 144 -12.10 3.94 24.34
CA LEU B 144 -10.89 3.27 23.84
C LEU B 144 -11.24 2.32 22.69
N THR B 145 -12.47 1.81 22.70
CA THR B 145 -12.91 0.84 21.69
C THR B 145 -12.68 1.39 20.28
N ASN B 146 -13.13 2.61 20.05
CA ASN B 146 -12.98 3.16 18.72
C ASN B 146 -11.70 3.97 18.48
N TRP B 147 -10.95 4.28 19.53
CA TRP B 147 -9.58 4.79 19.36
C TRP B 147 -8.74 3.85 18.48
N ILE B 148 -8.86 2.55 18.75
CA ILE B 148 -8.09 1.53 18.04
C ILE B 148 -8.78 1.02 16.78
N GLU B 149 -9.86 1.68 16.36
CA GLU B 149 -10.44 1.33 15.06
C GLU B 149 -9.39 1.40 13.96
N THR B 150 -8.66 2.52 13.89
CA THR B 150 -7.78 2.75 12.74
C THR B 150 -6.74 1.65 12.54
N ILE B 151 -6.04 1.28 13.61
N ILE B 151 -6.10 1.25 13.64
CA ILE B 151 -5.03 0.23 13.51
CA ILE B 151 -5.03 0.27 13.59
C ILE B 151 -5.67 -1.11 13.16
C ILE B 151 -5.55 -1.16 13.38
N LEU B 152 -6.77 -1.45 13.82
CA LEU B 152 -7.38 -2.74 13.61
C LEU B 152 -7.91 -2.89 12.18
N VAL B 153 -8.40 -1.79 11.62
CA VAL B 153 -9.03 -1.81 10.30
C VAL B 153 -7.96 -2.06 9.23
N GLN B 154 -6.71 -1.72 9.55
CA GLN B 154 -5.59 -2.12 8.66
C GLN B 154 -5.45 -3.64 8.39
N SER B 155 -6.18 -4.45 9.17
CA SER B 155 -6.26 -5.88 8.89
C SER B 155 -6.89 -6.15 7.51
N TRP B 156 -7.58 -5.16 6.93
CA TRP B 156 -8.13 -5.28 5.58
C TRP B 156 -7.07 -5.77 4.59
N TYR B 157 -5.83 -5.31 4.79
CA TYR B 157 -4.79 -5.56 3.81
C TYR B 157 -4.36 -7.04 3.75
N PRO B 158 -3.93 -7.62 4.90
CA PRO B 158 -3.63 -9.06 4.82
C PRO B 158 -4.86 -9.89 4.48
N ILE B 159 -6.05 -9.48 4.91
CA ILE B 159 -7.24 -10.24 4.54
C ILE B 159 -7.42 -10.22 3.02
N THR B 160 -7.25 -9.04 2.43
CA THR B 160 -7.51 -8.86 1.02
C THR B 160 -6.44 -9.54 0.18
N VAL B 161 -5.17 -9.42 0.58
CA VAL B 161 -4.12 -10.08 -0.18
C VAL B 161 -4.35 -11.60 -0.13
N ALA B 162 -4.59 -12.12 1.07
CA ALA B 162 -4.81 -13.57 1.23
C ALA B 162 -6.02 -14.07 0.42
N THR B 163 -7.08 -13.28 0.44
CA THR B 163 -8.29 -13.64 -0.25
C THR B 163 -8.08 -13.63 -1.78
N ASN B 164 -7.51 -12.55 -2.30
CA ASN B 164 -7.28 -12.43 -3.74
C ASN B 164 -6.27 -13.48 -4.24
N SER B 165 -5.28 -13.78 -3.42
CA SER B 165 -4.32 -14.83 -3.74
C SER B 165 -5.01 -16.20 -3.79
N ARG B 166 -5.90 -16.47 -2.85
CA ARG B 166 -6.63 -17.73 -2.83
C ARG B 166 -7.56 -17.84 -4.05
N GLU B 167 -8.18 -16.74 -4.46
CA GLU B 167 -9.03 -16.73 -5.65
C GLU B 167 -8.25 -17.07 -6.91
N GLN B 168 -6.97 -16.70 -6.93
CA GLN B 168 -6.12 -17.04 -8.07
C GLN B 168 -5.73 -18.52 -8.04
N LYS B 169 -5.50 -19.04 -6.83
CA LYS B 169 -5.24 -20.46 -6.66
C LYS B 169 -6.42 -21.30 -7.15
N LYS B 170 -7.65 -20.80 -6.98
CA LYS B 170 -8.84 -21.53 -7.45
C LYS B 170 -8.82 -21.66 -8.95
N ILE B 171 -8.44 -20.56 -9.61
CA ILE B 171 -8.34 -20.53 -11.07
C ILE B 171 -7.25 -21.49 -11.52
N LEU B 172 -6.08 -21.41 -10.91
CA LEU B 172 -5.00 -22.30 -11.31
C LEU B 172 -5.35 -23.77 -11.08
N ALA B 173 -6.02 -24.04 -9.96
CA ALA B 173 -6.44 -25.40 -9.63
C ALA B 173 -7.36 -25.96 -10.71
N LYS B 174 -8.37 -25.19 -11.08
CA LYS B 174 -9.36 -25.63 -12.06
C LYS B 174 -8.66 -26.06 -13.35
N TYR B 175 -7.79 -25.18 -13.85
CA TYR B 175 -7.16 -25.42 -15.14
C TYR B 175 -6.01 -26.44 -15.11
N LEU B 176 -5.28 -26.50 -14.00
CA LEU B 176 -4.26 -27.53 -13.89
C LEU B 176 -4.94 -28.90 -13.82
N LEU B 177 -6.04 -28.98 -13.06
CA LEU B 177 -6.79 -30.21 -12.94
C LEU B 177 -7.34 -30.65 -14.31
N GLU B 178 -7.88 -29.70 -15.04
CA GLU B 178 -8.49 -29.97 -16.35
C GLU B 178 -7.46 -30.39 -17.39
N THR B 179 -6.32 -29.72 -17.40
CA THR B 179 -5.32 -30.01 -18.41
C THR B 179 -4.33 -31.11 -18.05
N SER B 180 -4.21 -31.50 -16.78
CA SER B 180 -3.21 -32.49 -16.37
C SER B 180 -3.78 -33.68 -15.62
N GLY B 181 -4.97 -33.52 -15.05
CA GLY B 181 -5.57 -34.59 -14.26
C GLY B 181 -5.19 -34.62 -12.80
N ASN B 182 -4.39 -33.65 -12.35
CA ASN B 182 -4.03 -33.58 -10.94
C ASN B 182 -3.63 -32.17 -10.54
N LEU B 183 -3.29 -32.00 -9.26
CA LEU B 183 -2.91 -30.69 -8.72
C LEU B 183 -1.44 -30.59 -8.34
N ASP B 184 -0.62 -31.51 -8.84
CA ASP B 184 0.80 -31.51 -8.52
C ASP B 184 1.45 -30.16 -8.82
N GLY B 185 2.08 -29.57 -7.82
CA GLY B 185 2.81 -28.34 -8.05
C GLY B 185 2.02 -27.05 -7.92
N LEU B 186 0.73 -27.15 -7.61
CA LEU B 186 -0.14 -25.98 -7.56
C LEU B 186 0.43 -24.86 -6.70
N GLU B 187 1.02 -25.24 -5.57
CA GLU B 187 1.47 -24.27 -4.59
C GLU B 187 2.72 -23.52 -5.06
N TYR B 188 3.28 -23.94 -6.19
CA TYR B 188 4.44 -23.28 -6.79
C TYR B 188 4.08 -22.42 -8.00
N LYS B 189 2.79 -22.33 -8.34
CA LYS B 189 2.41 -21.78 -9.64
C LYS B 189 2.14 -20.28 -9.66
N LEU B 190 2.06 -19.65 -8.50
CA LEU B 190 1.92 -18.18 -8.42
C LEU B 190 2.97 -17.65 -7.45
N HIS B 191 3.94 -16.95 -8.02
CA HIS B 191 5.18 -16.58 -7.34
C HIS B 191 5.14 -15.06 -7.07
N ASP B 192 5.35 -14.67 -5.81
CA ASP B 192 5.32 -13.25 -5.40
C ASP B 192 6.55 -12.49 -5.90
N PHE B 193 6.33 -11.48 -6.78
CA PHE B 193 7.39 -10.63 -7.34
C PHE B 193 7.19 -9.19 -6.85
N GLY B 194 6.39 -9.00 -5.80
CA GLY B 194 5.89 -7.67 -5.44
C GLY B 194 6.67 -6.72 -4.56
N TYR B 195 7.88 -7.11 -4.16
CA TYR B 195 8.63 -6.36 -3.15
C TYR B 195 8.86 -4.87 -3.56
N ARG B 196 9.32 -4.64 -4.79
CA ARG B 196 9.62 -3.28 -5.23
C ARG B 196 8.36 -2.46 -5.47
N GLY B 197 7.23 -3.15 -5.63
CA GLY B 197 5.99 -2.51 -6.06
C GLY B 197 5.03 -2.15 -4.94
N VAL B 198 5.41 -2.44 -3.70
CA VAL B 198 4.53 -2.08 -2.60
C VAL B 198 5.00 -0.77 -2.03
N SER B 199 4.19 -0.25 -1.11
CA SER B 199 4.37 1.10 -0.62
C SER B 199 5.37 1.25 0.53
N SER B 200 5.81 0.16 1.15
CA SER B 200 6.79 0.25 2.23
C SER B 200 7.37 -1.11 2.58
N GLN B 201 8.42 -1.09 3.40
CA GLN B 201 9.00 -2.34 3.89
C GLN B 201 8.01 -3.12 4.75
N GLU B 202 7.25 -2.43 5.58
CA GLU B 202 6.33 -3.12 6.47
C GLU B 202 5.23 -3.78 5.67
N THR B 203 4.67 -3.04 4.71
CA THR B 203 3.67 -3.60 3.80
C THR B 203 4.19 -4.82 3.04
N ALA B 204 5.45 -4.78 2.65
CA ALA B 204 6.06 -5.90 1.95
C ALA B 204 5.98 -7.20 2.79
N GLY B 205 6.34 -7.11 4.06
CA GLY B 205 6.33 -8.28 4.92
C GLY B 205 4.92 -8.80 5.13
N ILE B 206 4.00 -7.87 5.41
CA ILE B 206 2.61 -8.25 5.67
C ILE B 206 2.00 -8.91 4.43
N GLY B 207 2.15 -8.27 3.27
CA GLY B 207 1.51 -8.79 2.08
C GLY B 207 2.12 -10.11 1.62
N ALA B 208 3.45 -10.20 1.68
CA ALA B 208 4.10 -11.44 1.30
C ALA B 208 3.63 -12.61 2.19
N SER B 209 3.47 -12.35 3.49
CA SER B 209 3.02 -13.38 4.40
C SER B 209 1.60 -13.84 4.04
N ALA B 210 0.77 -12.91 3.57
CA ALA B 210 -0.61 -13.25 3.22
C ALA B 210 -0.68 -14.14 1.97
N HIS B 211 0.16 -13.87 1.00
CA HIS B 211 0.27 -14.73 -0.18
C HIS B 211 0.74 -16.13 0.23
N LEU B 212 1.63 -16.20 1.24
CA LEU B 212 2.16 -17.51 1.64
C LEU B 212 1.12 -18.35 2.38
N VAL B 213 -0.03 -17.77 2.69
CA VAL B 213 -1.12 -18.57 3.24
C VAL B 213 -1.53 -19.62 2.19
N ASN B 214 -1.36 -19.27 0.91
CA ASN B 214 -1.88 -20.08 -0.19
C ASN B 214 -0.82 -20.74 -1.06
N PHE B 215 0.34 -20.09 -1.16
CA PHE B 215 1.40 -20.59 -2.03
C PHE B 215 2.74 -20.66 -1.28
N LYS B 216 3.76 -21.23 -1.92
CA LYS B 216 5.05 -21.40 -1.24
C LYS B 216 6.23 -20.69 -1.89
N ARG B 217 6.00 -19.97 -2.98
CA ARG B 217 7.10 -19.28 -3.67
C ARG B 217 7.00 -17.77 -3.59
N THR B 218 8.11 -17.13 -3.18
CA THR B 218 8.13 -15.68 -3.02
C THR B 218 9.55 -15.14 -3.15
N ASP B 219 9.68 -13.97 -3.78
CA ASP B 219 10.96 -13.28 -3.80
C ASP B 219 10.90 -12.10 -2.81
N THR B 220 9.74 -11.98 -2.15
CA THR B 220 9.57 -10.92 -1.14
C THR B 220 10.05 -11.45 0.21
N VAL B 221 11.37 -11.35 0.41
CA VAL B 221 12.06 -11.98 1.55
C VAL B 221 11.53 -11.55 2.93
N ALA B 222 11.07 -10.29 3.01
CA ALA B 222 10.51 -9.71 4.23
C ALA B 222 9.40 -10.56 4.87
N GLY B 223 8.66 -11.34 4.08
CA GLY B 223 7.59 -12.14 4.67
C GLY B 223 8.06 -13.28 5.55
N LEU B 224 9.26 -13.76 5.33
CA LEU B 224 9.72 -14.95 6.06
C LEU B 224 9.87 -14.59 7.53
N ALA B 225 10.47 -13.44 7.80
CA ALA B 225 10.76 -13.02 9.17
C ALA B 225 9.51 -12.66 9.96
N LEU B 226 8.52 -12.09 9.27
CA LEU B 226 7.24 -11.78 9.89
C LEU B 226 6.59 -13.08 10.39
N ILE B 227 6.53 -14.06 9.50
CA ILE B 227 5.89 -15.32 9.83
C ILE B 227 6.62 -16.00 11.00
N LYS B 228 7.95 -16.03 10.94
CA LYS B 228 8.72 -16.69 12.01
C LYS B 228 8.45 -16.03 13.36
N LYS B 229 8.39 -14.71 13.37
CA LYS B 229 8.23 -13.98 14.62
C LYS B 229 6.82 -14.07 15.23
N TYR B 230 5.80 -14.00 14.38
CA TYR B 230 4.42 -13.86 14.81
C TYR B 230 3.50 -15.08 14.67
N TYR B 231 3.86 -16.03 13.80
CA TYR B 231 3.01 -17.19 13.55
C TYR B 231 3.73 -18.51 13.76
N GLY B 232 4.84 -18.70 13.06
CA GLY B 232 5.64 -19.91 13.17
C GLY B 232 5.25 -21.05 12.25
N THR B 233 6.25 -21.79 11.78
CA THR B 233 6.02 -22.99 10.98
C THR B 233 6.90 -24.12 11.50
N LYS B 234 6.44 -25.33 11.31
CA LYS B 234 7.25 -26.50 11.64
C LYS B 234 8.53 -26.49 10.81
N ASP B 235 8.39 -26.26 9.51
CA ASP B 235 9.52 -26.09 8.60
C ASP B 235 10.37 -24.86 8.90
N PRO B 236 11.67 -24.92 8.55
CA PRO B 236 12.58 -23.79 8.73
C PRO B 236 12.03 -22.49 8.14
N VAL B 237 11.52 -22.52 6.91
CA VAL B 237 10.92 -21.32 6.31
C VAL B 237 9.58 -21.61 5.64
N PRO B 238 8.72 -20.58 5.53
CA PRO B 238 7.40 -20.78 4.93
C PRO B 238 7.41 -20.58 3.41
N GLY B 239 8.49 -19.99 2.88
CA GLY B 239 8.52 -19.71 1.45
C GLY B 239 9.89 -19.86 0.82
N TYR B 240 9.90 -20.03 -0.50
CA TYR B 240 11.09 -20.46 -1.22
C TYR B 240 11.29 -19.65 -2.49
N SER B 241 12.52 -19.62 -2.96
CA SER B 241 12.82 -18.96 -4.24
C SER B 241 13.75 -19.84 -5.09
N VAL B 242 14.14 -19.32 -6.25
CA VAL B 242 14.77 -20.05 -7.35
C VAL B 242 15.72 -19.04 -7.97
N PRO B 243 16.93 -19.48 -8.36
CA PRO B 243 17.79 -18.52 -9.06
C PRO B 243 17.15 -18.00 -10.35
N ALA B 244 17.44 -16.74 -10.69
CA ALA B 244 16.79 -16.12 -11.83
C ALA B 244 17.56 -14.89 -12.25
N ALA B 245 17.57 -14.61 -13.54
CA ALA B 245 18.22 -13.40 -14.07
C ALA B 245 17.29 -12.18 -13.99
N GLU B 246 17.87 -11.00 -14.15
CA GLU B 246 17.09 -9.77 -14.37
C GLU B 246 17.66 -9.14 -15.63
N HIS B 247 17.04 -8.08 -16.11
CA HIS B 247 17.51 -7.49 -17.35
C HIS B 247 18.96 -7.03 -17.23
N SER B 248 19.36 -6.51 -16.07
CA SER B 248 20.73 -6.00 -15.95
C SER B 248 21.82 -7.09 -16.10
N THR B 249 21.53 -8.32 -15.68
CA THR B 249 22.53 -9.38 -15.83
C THR B 249 22.58 -9.95 -17.26
N ILE B 250 21.58 -9.61 -18.08
CA ILE B 250 21.67 -9.92 -19.49
C ILE B 250 22.28 -8.73 -20.28
N THR B 251 21.70 -7.56 -20.09
CA THR B 251 22.09 -6.39 -20.88
C THR B 251 23.50 -5.90 -20.59
N ALA B 252 24.02 -6.20 -19.39
CA ALA B 252 25.39 -5.79 -19.04
C ALA B 252 26.44 -6.39 -19.99
N TRP B 253 26.09 -7.50 -20.65
CA TRP B 253 27.01 -8.19 -21.56
C TRP B 253 27.17 -7.45 -22.90
N GLY B 254 26.28 -6.50 -23.15
CA GLY B 254 26.25 -5.77 -24.41
C GLY B 254 25.23 -6.37 -25.37
N LYS B 255 24.65 -5.51 -26.19
CA LYS B 255 23.58 -5.90 -27.11
C LYS B 255 23.90 -7.08 -28.05
N ASP B 256 25.17 -7.21 -28.43
CA ASP B 256 25.58 -8.26 -29.37
C ASP B 256 25.96 -9.56 -28.66
N HIS B 257 25.80 -9.59 -27.33
CA HIS B 257 26.28 -10.72 -26.55
C HIS B 257 25.23 -11.32 -25.65
N GLU B 258 23.97 -11.25 -26.07
CA GLU B 258 22.89 -11.90 -25.34
C GLU B 258 23.11 -13.42 -25.21
N LYS B 259 23.58 -14.07 -26.28
CA LYS B 259 23.86 -15.50 -26.22
C LYS B 259 24.93 -15.81 -25.19
N ASP B 260 25.95 -14.95 -25.13
CA ASP B 260 27.02 -15.16 -24.15
C ASP B 260 26.50 -15.09 -22.73
N ALA B 261 25.56 -14.18 -22.47
CA ALA B 261 24.98 -14.02 -21.15
C ALA B 261 24.19 -15.26 -20.78
N PHE B 262 23.30 -15.67 -21.69
CA PHE B 262 22.51 -16.88 -21.50
C PHE B 262 23.37 -18.12 -21.16
N GLU B 263 24.42 -18.34 -21.95
CA GLU B 263 25.29 -19.50 -21.76
C GLU B 263 25.99 -19.46 -20.40
N HIS B 264 26.48 -18.29 -20.01
CA HIS B 264 27.16 -18.13 -18.73
C HIS B 264 26.19 -18.44 -17.60
N ILE B 265 24.96 -17.94 -17.71
CA ILE B 265 24.02 -18.09 -16.62
C ILE B 265 23.56 -19.55 -16.43
N VAL B 266 23.22 -20.23 -17.52
CA VAL B 266 22.77 -21.61 -17.41
C VAL B 266 23.92 -22.56 -17.03
N THR B 267 25.15 -22.14 -17.33
CA THR B 267 26.34 -22.94 -16.95
C THR B 267 26.69 -22.74 -15.47
N GLN B 268 26.48 -21.51 -14.97
CA GLN B 268 26.68 -21.24 -13.55
C GLN B 268 25.67 -21.95 -12.70
N PHE B 269 24.45 -22.06 -13.22
CA PHE B 269 23.35 -22.70 -12.50
C PHE B 269 22.95 -23.96 -13.26
N SER B 270 23.87 -24.90 -13.38
CA SER B 270 23.67 -26.07 -14.23
C SER B 270 22.91 -27.19 -13.51
N SER B 271 22.91 -27.17 -12.19
CA SER B 271 22.29 -28.26 -11.43
C SER B 271 21.11 -27.83 -10.56
N VAL B 272 20.66 -26.59 -10.72
CA VAL B 272 19.47 -26.12 -10.03
C VAL B 272 18.57 -25.46 -11.06
N PRO B 273 17.27 -25.28 -10.76
CA PRO B 273 16.38 -24.56 -11.66
C PRO B 273 16.92 -23.15 -11.85
N VAL B 274 16.81 -22.61 -13.07
CA VAL B 274 17.17 -21.22 -13.27
C VAL B 274 16.22 -20.59 -14.29
N SER B 275 15.73 -19.41 -13.96
CA SER B 275 14.87 -18.66 -14.85
C SER B 275 15.71 -17.58 -15.51
N VAL B 276 15.51 -17.38 -16.81
CA VAL B 276 16.30 -16.40 -17.56
C VAL B 276 15.37 -15.52 -18.40
N VAL B 277 15.25 -14.27 -17.98
CA VAL B 277 14.47 -13.28 -18.73
C VAL B 277 15.02 -13.14 -20.16
N SER B 278 14.12 -13.30 -21.13
CA SER B 278 14.56 -13.50 -22.52
C SER B 278 14.06 -12.44 -23.53
N ASP B 279 13.55 -11.32 -23.03
CA ASP B 279 12.89 -10.31 -23.88
C ASP B 279 13.65 -8.98 -23.93
N SER B 280 14.88 -8.96 -23.43
CA SER B 280 15.69 -7.73 -23.47
C SER B 280 15.67 -7.02 -24.83
N TYR B 281 15.73 -7.81 -25.91
CA TYR B 281 15.79 -7.23 -27.26
C TYR B 281 14.70 -7.82 -28.15
N ASP B 282 14.60 -9.15 -28.17
CA ASP B 282 13.64 -9.81 -29.04
C ASP B 282 13.36 -11.21 -28.50
N ILE B 283 12.27 -11.32 -27.75
CA ILE B 283 11.87 -12.57 -27.09
C ILE B 283 11.73 -13.71 -28.10
N TYR B 284 11.20 -13.41 -29.29
CA TYR B 284 10.91 -14.49 -30.22
C TYR B 284 12.20 -15.03 -30.83
N ASN B 285 13.13 -14.12 -31.12
CA ASN B 285 14.48 -14.50 -31.52
C ASN B 285 15.20 -15.29 -30.43
N ALA B 286 15.10 -14.80 -29.20
CA ALA B 286 15.74 -15.47 -28.08
C ALA B 286 15.26 -16.92 -28.00
N CYS B 287 13.97 -17.15 -28.12
CA CYS B 287 13.43 -18.49 -27.97
C CYS B 287 13.75 -19.38 -29.16
N GLU B 288 13.64 -18.84 -30.37
CA GLU B 288 13.72 -19.69 -31.54
C GLU B 288 15.16 -19.93 -31.96
N LYS B 289 15.97 -18.90 -31.82
CA LYS B 289 17.33 -18.97 -32.36
C LYS B 289 18.38 -19.16 -31.28
N ILE B 290 18.29 -18.42 -30.17
CA ILE B 290 19.33 -18.59 -29.17
C ILE B 290 19.09 -19.85 -28.35
N TRP B 291 17.96 -19.94 -27.67
CA TRP B 291 17.68 -21.16 -26.91
C TRP B 291 17.43 -22.36 -27.82
N GLY B 292 16.68 -22.13 -28.90
CA GLY B 292 16.16 -23.21 -29.71
C GLY B 292 17.16 -23.80 -30.67
N GLU B 293 18.23 -23.06 -30.92
CA GLU B 293 19.27 -23.50 -31.84
C GLU B 293 20.69 -23.42 -31.24
N ASP B 294 21.17 -22.20 -31.01
CA ASP B 294 22.56 -21.99 -30.58
C ASP B 294 22.92 -22.68 -29.26
N LEU B 295 22.00 -22.63 -28.30
CA LEU B 295 22.27 -23.12 -26.95
C LEU B 295 21.43 -24.35 -26.62
N ARG B 296 20.75 -24.90 -27.63
CA ARG B 296 19.85 -26.04 -27.42
C ARG B 296 20.52 -27.19 -26.69
N HIS B 297 21.79 -27.44 -27.01
CA HIS B 297 22.54 -28.55 -26.42
C HIS B 297 22.76 -28.41 -24.93
N LEU B 298 22.65 -27.17 -24.43
CA LEU B 298 22.85 -26.90 -23.01
C LEU B 298 21.55 -26.99 -22.25
N ILE B 299 20.45 -27.10 -22.98
CA ILE B 299 19.14 -27.20 -22.37
C ILE B 299 18.68 -28.64 -22.31
N VAL B 300 18.88 -29.38 -23.40
CA VAL B 300 18.34 -30.74 -23.45
C VAL B 300 19.11 -31.71 -22.54
N SER B 301 20.26 -31.26 -22.05
CA SER B 301 21.10 -32.03 -21.10
C SER B 301 20.70 -31.87 -19.64
N ARG B 302 19.79 -30.94 -19.35
CA ARG B 302 19.45 -30.64 -17.95
C ARG B 302 18.51 -31.62 -17.27
N SER B 303 18.59 -31.65 -15.95
CA SER B 303 17.77 -32.50 -15.11
C SER B 303 16.34 -31.99 -14.96
N THR B 304 15.43 -32.92 -14.72
CA THR B 304 14.05 -32.62 -14.42
C THR B 304 13.93 -31.79 -13.14
N GLN B 305 14.89 -31.98 -12.23
CA GLN B 305 14.96 -31.22 -11.00
C GLN B 305 15.65 -29.87 -11.22
N ALA B 306 16.23 -29.67 -12.41
CA ALA B 306 16.88 -28.40 -12.72
C ALA B 306 16.56 -27.85 -14.12
N PRO B 307 15.28 -27.55 -14.38
CA PRO B 307 14.93 -27.08 -15.72
C PRO B 307 15.45 -25.67 -15.98
N LEU B 308 15.56 -25.32 -17.24
CA LEU B 308 15.63 -23.91 -17.63
C LEU B 308 14.20 -23.40 -17.67
N ILE B 309 13.97 -22.24 -17.06
CA ILE B 309 12.65 -21.62 -17.18
C ILE B 309 12.82 -20.34 -18.00
N ILE B 310 12.18 -20.31 -19.17
CA ILE B 310 12.23 -19.13 -20.01
C ILE B 310 11.19 -18.10 -19.55
N ARG B 311 11.64 -16.85 -19.39
CA ARG B 311 10.79 -15.79 -18.86
C ARG B 311 10.55 -14.64 -19.84
N PRO B 312 9.37 -14.63 -20.49
CA PRO B 312 9.01 -13.42 -21.24
C PRO B 312 8.62 -12.32 -20.24
N ASP B 313 8.65 -11.06 -20.67
CA ASP B 313 8.38 -9.96 -19.71
C ASP B 313 7.78 -8.71 -20.38
N SER B 314 7.21 -8.86 -21.56
CA SER B 314 6.66 -7.71 -22.28
C SER B 314 5.74 -8.19 -23.39
N GLY B 315 4.93 -7.26 -23.91
CA GLY B 315 3.94 -7.59 -24.91
C GLY B 315 2.63 -8.00 -24.27
N ASN B 316 1.62 -8.29 -25.09
CA ASN B 316 0.36 -8.78 -24.58
C ASN B 316 0.62 -10.13 -23.91
N PRO B 317 0.22 -10.26 -22.63
CA PRO B 317 0.53 -11.47 -21.87
C PRO B 317 0.02 -12.75 -22.52
N LEU B 318 -1.26 -12.84 -22.89
CA LEU B 318 -1.73 -14.06 -23.56
C LEU B 318 -1.03 -14.30 -24.88
N ASP B 319 -1.04 -13.30 -25.76
CA ASP B 319 -0.43 -13.44 -27.09
C ASP B 319 1.02 -13.88 -27.01
N THR B 320 1.76 -13.30 -26.08
CA THR B 320 3.19 -13.61 -25.94
C THR B 320 3.43 -15.01 -25.41
N VAL B 321 2.69 -15.40 -24.37
CA VAL B 321 2.76 -16.79 -23.87
C VAL B 321 2.46 -17.82 -24.95
N LEU B 322 1.38 -17.62 -25.70
CA LEU B 322 1.01 -18.54 -26.76
C LEU B 322 2.09 -18.66 -27.83
N LYS B 323 2.63 -17.53 -28.27
CA LYS B 323 3.68 -17.54 -29.30
C LYS B 323 4.98 -18.16 -28.79
N VAL B 324 5.33 -17.85 -27.55
CA VAL B 324 6.52 -18.45 -26.93
C VAL B 324 6.37 -19.96 -26.88
N LEU B 325 5.18 -20.44 -26.48
CA LEU B 325 4.96 -21.89 -26.43
C LEU B 325 5.01 -22.51 -27.82
N GLU B 326 4.38 -21.88 -28.81
CA GLU B 326 4.44 -22.38 -30.19
C GLU B 326 5.88 -22.49 -30.70
N ILE B 327 6.70 -21.50 -30.38
CA ILE B 327 8.11 -21.53 -30.80
C ILE B 327 8.85 -22.71 -30.16
N LEU B 328 8.71 -22.85 -28.84
CA LEU B 328 9.44 -23.89 -28.13
C LEU B 328 8.97 -25.28 -28.55
N GLY B 329 7.69 -25.42 -28.86
CA GLY B 329 7.15 -26.70 -29.23
C GLY B 329 7.66 -27.19 -30.58
N LYS B 330 8.16 -26.27 -31.39
CA LYS B 330 8.73 -26.67 -32.67
C LYS B 330 10.24 -26.87 -32.59
N LYS B 331 10.84 -26.42 -31.49
CA LYS B 331 12.30 -26.57 -31.33
C LYS B 331 12.70 -27.69 -30.37
N PHE B 332 11.75 -28.13 -29.54
CA PHE B 332 11.98 -29.10 -28.49
C PHE B 332 10.96 -30.21 -28.59
N PRO B 333 11.29 -31.40 -28.08
CA PRO B 333 10.35 -32.52 -28.23
C PRO B 333 9.14 -32.37 -27.31
N VAL B 334 7.97 -32.24 -27.91
CA VAL B 334 6.72 -32.09 -27.15
C VAL B 334 6.03 -33.44 -27.05
N THR B 335 5.45 -33.70 -25.88
CA THR B 335 4.64 -34.87 -25.69
C THR B 335 3.18 -34.46 -25.52
N GLU B 336 2.31 -35.46 -25.49
CA GLU B 336 0.92 -35.22 -25.22
C GLU B 336 0.57 -36.03 -23.98
N ASN B 337 0.11 -35.34 -22.93
CA ASN B 337 -0.18 -36.02 -21.68
C ASN B 337 -1.48 -36.85 -21.75
N SER B 338 -1.83 -37.52 -20.65
CA SER B 338 -2.99 -38.41 -20.66
C SER B 338 -4.32 -37.70 -20.95
N LYS B 339 -4.36 -36.39 -20.76
CA LYS B 339 -5.57 -35.61 -20.98
C LYS B 339 -5.65 -35.03 -22.38
N GLY B 340 -4.63 -35.25 -23.20
CA GLY B 340 -4.64 -34.76 -24.56
C GLY B 340 -3.98 -33.41 -24.75
N TYR B 341 -3.35 -32.89 -23.70
CA TYR B 341 -2.69 -31.59 -23.78
C TYR B 341 -1.20 -31.68 -23.99
N LYS B 342 -0.66 -30.67 -24.66
CA LYS B 342 0.76 -30.64 -25.01
C LYS B 342 1.62 -30.29 -23.81
N LEU B 343 2.78 -30.94 -23.74
CA LEU B 343 3.70 -30.78 -22.63
C LEU B 343 5.14 -30.68 -23.10
N LEU B 344 5.79 -29.57 -22.71
CA LEU B 344 7.21 -29.40 -22.99
C LEU B 344 8.02 -30.49 -22.27
N PRO B 345 9.24 -30.76 -22.73
CA PRO B 345 10.07 -31.71 -21.98
C PRO B 345 10.32 -31.19 -20.57
N PRO B 346 10.63 -32.07 -19.62
CA PRO B 346 10.67 -31.70 -18.20
C PRO B 346 11.81 -30.73 -17.80
N TYR B 347 12.78 -30.60 -18.68
CA TYR B 347 13.91 -29.69 -18.50
C TYR B 347 13.61 -28.26 -18.97
N LEU B 348 12.37 -28.00 -19.40
CA LEU B 348 12.03 -26.71 -19.98
C LEU B 348 10.63 -26.24 -19.54
N ARG B 349 10.56 -25.07 -18.91
CA ARG B 349 9.28 -24.48 -18.48
C ARG B 349 9.26 -22.99 -18.83
N VAL B 350 8.11 -22.34 -18.64
CA VAL B 350 7.97 -20.89 -18.87
C VAL B 350 7.43 -20.22 -17.61
N ILE B 351 7.88 -19.00 -17.36
CA ILE B 351 7.22 -18.21 -16.33
C ILE B 351 6.80 -16.87 -16.92
N GLN B 352 5.52 -16.54 -16.79
CA GLN B 352 5.05 -15.21 -17.22
C GLN B 352 4.88 -14.33 -15.98
N GLY B 353 5.68 -13.27 -15.90
CA GLY B 353 5.66 -12.42 -14.71
C GLY B 353 5.46 -10.94 -14.98
N ASP B 354 4.82 -10.61 -16.11
CA ASP B 354 4.50 -9.22 -16.44
C ASP B 354 3.00 -9.12 -16.65
N GLY B 355 2.37 -8.12 -16.01
CA GLY B 355 0.96 -7.86 -16.25
C GLY B 355 -0.01 -8.90 -15.71
N VAL B 356 0.44 -9.72 -14.76
CA VAL B 356 -0.41 -10.76 -14.20
C VAL B 356 -1.22 -10.25 -12.99
N ASP B 357 -2.55 -10.26 -13.15
CA ASP B 357 -3.46 -10.06 -12.02
C ASP B 357 -4.55 -11.11 -12.12
N ILE B 358 -5.53 -11.08 -11.22
CA ILE B 358 -6.53 -12.13 -11.22
C ILE B 358 -7.30 -12.21 -12.56
N ASN B 359 -7.49 -11.08 -13.23
CA ASN B 359 -8.18 -11.10 -14.52
C ASN B 359 -7.32 -11.64 -15.66
N THR B 360 -6.07 -11.17 -15.73
CA THR B 360 -5.23 -11.62 -16.84
C THR B 360 -4.76 -13.06 -16.62
N LEU B 361 -4.67 -13.50 -15.38
CA LEU B 361 -4.34 -14.90 -15.09
C LEU B 361 -5.39 -15.81 -15.72
N GLN B 362 -6.66 -15.51 -15.46
CA GLN B 362 -7.79 -16.23 -16.06
C GLN B 362 -7.72 -16.24 -17.60
N GLU B 363 -7.40 -15.09 -18.19
CA GLU B 363 -7.33 -15.02 -19.66
C GLU B 363 -6.22 -15.89 -20.23
N ILE B 364 -5.10 -15.92 -19.54
CA ILE B 364 -3.96 -16.70 -20.02
C ILE B 364 -4.22 -18.20 -19.96
N VAL B 365 -4.68 -18.70 -18.82
CA VAL B 365 -4.85 -20.14 -18.67
C VAL B 365 -5.97 -20.64 -19.58
N GLU B 366 -7.01 -19.82 -19.77
CA GLU B 366 -8.10 -20.19 -20.65
C GLU B 366 -7.62 -20.19 -22.09
N GLY B 367 -6.75 -19.24 -22.44
CA GLY B 367 -6.19 -19.19 -23.78
C GLY B 367 -5.26 -20.38 -24.06
N MET B 368 -4.45 -20.73 -23.06
CA MET B 368 -3.65 -21.94 -23.17
C MET B 368 -4.51 -23.18 -23.39
N LYS B 369 -5.58 -23.31 -22.61
CA LYS B 369 -6.45 -24.48 -22.70
C LYS B 369 -7.04 -24.57 -24.10
N GLN B 370 -7.46 -23.44 -24.65
CA GLN B 370 -8.04 -23.44 -26.00
C GLN B 370 -7.05 -23.88 -27.07
N LYS B 371 -5.78 -23.60 -26.86
CA LYS B 371 -4.72 -24.01 -27.78
C LYS B 371 -4.07 -25.34 -27.39
N MET B 372 -4.69 -26.04 -26.44
CA MET B 372 -4.25 -27.39 -26.04
C MET B 372 -2.87 -27.48 -25.40
N TRP B 373 -2.50 -26.44 -24.66
CA TRP B 373 -1.27 -26.42 -23.88
C TRP B 373 -1.57 -26.69 -22.41
N SER B 374 -0.91 -27.69 -21.83
CA SER B 374 -1.14 -27.96 -20.40
C SER B 374 -0.69 -26.80 -19.50
N ILE B 375 -1.40 -26.58 -18.40
CA ILE B 375 -0.95 -25.60 -17.39
C ILE B 375 0.33 -26.09 -16.68
N GLU B 376 0.67 -27.37 -16.81
CA GLU B 376 1.95 -27.88 -16.31
C GLU B 376 3.17 -27.09 -16.85
N ASN B 377 3.05 -26.57 -18.06
CA ASN B 377 4.15 -25.89 -18.75
C ASN B 377 4.55 -24.55 -18.14
N ILE B 378 3.65 -23.96 -17.34
CA ILE B 378 3.80 -22.55 -16.99
C ILE B 378 3.59 -22.26 -15.51
N ALA B 379 4.27 -21.21 -15.04
CA ALA B 379 3.99 -20.61 -13.74
C ALA B 379 3.85 -19.13 -13.95
N PHE B 380 3.34 -18.44 -12.93
CA PHE B 380 3.09 -17.01 -13.01
C PHE B 380 3.81 -16.29 -11.87
N GLY B 381 4.42 -15.16 -12.20
CA GLY B 381 4.88 -14.20 -11.20
C GLY B 381 3.90 -13.03 -11.16
N SER B 382 3.65 -12.49 -9.98
CA SER B 382 2.77 -11.35 -9.93
C SER B 382 3.30 -10.40 -8.88
N GLY B 383 3.34 -9.11 -9.22
CA GLY B 383 3.95 -8.14 -8.35
C GLY B 383 2.94 -7.12 -7.84
N GLY B 384 2.78 -6.03 -8.58
CA GLY B 384 1.86 -5.00 -8.16
C GLY B 384 0.44 -5.55 -8.04
N GLY B 385 0.07 -6.43 -8.97
CA GLY B 385 -1.25 -7.02 -8.98
C GLY B 385 -1.54 -7.83 -7.72
N LEU B 386 -0.51 -8.50 -7.22
CA LEU B 386 -0.69 -9.38 -6.09
C LEU B 386 -0.68 -8.64 -4.75
N LEU B 387 0.20 -7.63 -4.62
CA LEU B 387 0.45 -6.99 -3.34
C LEU B 387 0.05 -5.51 -3.20
N GLN B 388 -0.12 -4.79 -4.30
CA GLN B 388 -0.35 -3.35 -4.24
C GLN B 388 -1.70 -2.87 -4.80
N LYS B 389 -2.18 -3.53 -5.85
CA LYS B 389 -3.36 -3.08 -6.57
C LYS B 389 -4.62 -3.63 -5.91
N LEU B 390 -4.79 -3.25 -4.64
CA LEU B 390 -5.88 -3.69 -3.81
C LEU B 390 -6.23 -2.53 -2.89
N THR B 391 -7.52 -2.39 -2.57
CA THR B 391 -7.98 -1.38 -1.63
C THR B 391 -8.98 -1.99 -0.65
N ARG B 392 -9.36 -1.19 0.34
CA ARG B 392 -10.22 -1.62 1.43
C ARG B 392 -11.65 -1.73 0.91
N ASP B 393 -11.91 -1.09 -0.23
CA ASP B 393 -13.22 -1.16 -0.87
C ASP B 393 -13.51 -2.49 -1.55
N LEU B 394 -12.47 -3.25 -1.87
CA LEU B 394 -12.67 -4.49 -2.60
C LEU B 394 -13.58 -5.47 -1.87
N LEU B 395 -13.34 -5.68 -0.58
CA LEU B 395 -14.16 -6.59 0.23
C LEU B 395 -15.04 -5.81 1.21
N ASN B 396 -15.01 -4.49 1.09
CA ASN B 396 -15.71 -3.59 2.01
C ASN B 396 -15.43 -3.87 3.49
N CYS B 397 -14.15 -3.97 3.81
CA CYS B 397 -13.70 -4.18 5.19
C CYS B 397 -14.00 -2.94 6.02
N SER B 398 -14.75 -3.13 7.11
CA SER B 398 -15.35 -2.02 7.83
C SER B 398 -15.56 -2.33 9.32
N PHE B 399 -15.38 -1.31 10.17
CA PHE B 399 -15.52 -1.43 11.64
C PHE B 399 -16.62 -0.46 12.04
N LYS B 400 -17.57 -0.91 12.85
CA LYS B 400 -18.70 -0.05 13.24
C LYS B 400 -19.13 -0.40 14.66
N CYS B 401 -19.65 0.60 15.36
CA CYS B 401 -20.22 0.36 16.68
C CYS B 401 -21.62 -0.21 16.51
N SER B 402 -21.93 -1.29 17.24
CA SER B 402 -23.27 -1.90 17.21
C SER B 402 -24.01 -1.91 18.56
N TYR B 403 -23.31 -1.63 19.66
CA TYR B 403 -23.93 -1.73 20.99
C TYR B 403 -23.26 -0.77 21.97
N VAL B 404 -24.07 -0.05 22.75
CA VAL B 404 -23.51 0.82 23.78
C VAL B 404 -24.30 0.64 25.07
N VAL B 405 -23.68 0.94 26.19
CA VAL B 405 -24.41 0.98 27.46
C VAL B 405 -24.29 2.40 27.99
N THR B 406 -25.43 3.05 28.24
CA THR B 406 -25.48 4.42 28.71
C THR B 406 -26.51 4.52 29.83
N ASN B 407 -26.13 5.15 30.93
CA ASN B 407 -26.96 5.15 32.15
C ASN B 407 -27.40 3.74 32.54
N GLY B 408 -26.55 2.76 32.28
CA GLY B 408 -26.81 1.37 32.66
C GLY B 408 -27.75 0.59 31.74
N LEU B 409 -28.21 1.22 30.67
CA LEU B 409 -29.10 0.56 29.73
C LEU B 409 -28.39 0.28 28.40
N GLY B 410 -28.42 -0.98 27.97
CA GLY B 410 -27.84 -1.36 26.69
C GLY B 410 -28.76 -0.94 25.56
N ILE B 411 -28.15 -0.49 24.47
N ILE B 411 -28.19 -0.38 24.50
CA ILE B 411 -28.87 0.00 23.29
CA ILE B 411 -29.01 -0.11 23.31
C ILE B 411 -28.26 -0.58 22.01
C ILE B 411 -28.30 -0.57 22.03
N ASN B 412 -29.09 -1.12 21.12
CA ASN B 412 -28.60 -1.61 19.84
C ASN B 412 -28.50 -0.44 18.88
N VAL B 413 -27.30 -0.18 18.36
CA VAL B 413 -27.08 0.97 17.50
C VAL B 413 -26.53 0.59 16.13
N PHE B 414 -26.70 1.48 15.16
CA PHE B 414 -26.38 1.15 13.77
C PHE B 414 -26.48 2.39 12.90
N LYS B 415 -25.88 2.33 11.72
CA LYS B 415 -26.13 3.33 10.69
C LYS B 415 -26.94 2.67 9.56
N ASP B 416 -27.72 3.47 8.83
CA ASP B 416 -28.55 2.97 7.73
C ASP B 416 -28.84 4.11 6.76
N PRO B 417 -27.81 4.53 6.00
CA PRO B 417 -27.95 5.73 5.16
C PRO B 417 -29.00 5.57 4.07
N VAL B 418 -29.85 6.59 3.91
CA VAL B 418 -31.01 6.49 3.04
C VAL B 418 -30.62 6.24 1.58
N ALA B 419 -29.50 6.81 1.14
CA ALA B 419 -29.11 6.68 -0.25
C ALA B 419 -28.29 5.43 -0.53
N ASP B 420 -27.92 4.67 0.51
CA ASP B 420 -27.06 3.51 0.27
C ASP B 420 -27.29 2.40 1.29
N PRO B 421 -28.26 1.52 1.01
CA PRO B 421 -28.52 0.34 1.83
C PRO B 421 -27.31 -0.56 1.99
N ASN B 422 -26.35 -0.49 1.08
CA ASN B 422 -25.15 -1.32 1.20
C ASN B 422 -24.27 -0.92 2.39
N LYS B 423 -24.50 0.27 2.93
CA LYS B 423 -23.69 0.78 4.06
C LYS B 423 -24.36 0.54 5.40
N ARG B 424 -25.53 -0.11 5.39
CA ARG B 424 -26.24 -0.40 6.63
C ARG B 424 -25.37 -1.32 7.50
N SER B 425 -25.31 -1.04 8.80
CA SER B 425 -24.49 -1.85 9.69
C SER B 425 -25.36 -2.71 10.61
N LYS B 426 -24.74 -3.70 11.27
CA LYS B 426 -25.48 -4.66 12.09
C LYS B 426 -25.83 -4.08 13.46
N LYS B 427 -26.88 -4.62 14.08
CA LYS B 427 -27.41 -4.06 15.33
C LYS B 427 -27.13 -4.94 16.54
N GLY B 428 -26.60 -4.35 17.60
CA GLY B 428 -26.49 -5.03 18.88
C GLY B 428 -25.32 -5.97 19.03
N ARG B 429 -25.38 -6.77 20.07
CA ARG B 429 -24.33 -7.75 20.36
C ARG B 429 -24.35 -8.90 19.35
N LEU B 430 -23.17 -9.25 18.83
CA LEU B 430 -23.10 -10.19 17.71
C LEU B 430 -22.43 -11.49 18.09
N SER B 431 -22.78 -12.55 17.38
CA SER B 431 -22.10 -13.82 17.52
C SER B 431 -22.19 -14.59 16.21
N LEU B 432 -21.25 -15.52 16.02
CA LEU B 432 -21.12 -16.25 14.76
C LEU B 432 -21.48 -17.71 15.06
N HIS B 433 -22.29 -18.32 14.20
CA HIS B 433 -22.77 -19.68 14.44
C HIS B 433 -22.76 -20.55 13.19
N ARG B 434 -22.74 -21.87 13.40
CA ARG B 434 -23.03 -22.83 12.34
C ARG B 434 -24.53 -23.02 12.19
N THR B 435 -24.97 -23.03 10.94
CA THR B 435 -26.38 -23.27 10.62
C THR B 435 -26.62 -24.78 10.55
N PRO B 436 -27.90 -25.20 10.46
CA PRO B 436 -28.14 -26.66 10.36
C PRO B 436 -27.52 -27.29 9.12
N ALA B 437 -27.33 -26.52 8.04
CA ALA B 437 -26.72 -27.08 6.84
C ALA B 437 -25.19 -26.98 6.88
N GLY B 438 -24.65 -26.46 7.99
CA GLY B 438 -23.19 -26.42 8.13
C GLY B 438 -22.54 -25.15 7.62
N ASN B 439 -23.35 -24.12 7.39
CA ASN B 439 -22.83 -22.84 6.93
C ASN B 439 -22.66 -21.88 8.10
N PHE B 440 -22.15 -20.69 7.81
CA PHE B 440 -22.04 -19.64 8.83
C PHE B 440 -23.26 -18.72 8.84
N VAL B 441 -23.65 -18.28 10.03
CA VAL B 441 -24.62 -17.18 10.20
C VAL B 441 -24.18 -16.26 11.32
N THR B 442 -24.36 -14.94 11.12
CA THR B 442 -24.16 -13.97 12.18
C THR B 442 -25.50 -13.58 12.82
N LEU B 443 -25.61 -13.75 14.13
CA LEU B 443 -26.80 -13.33 14.87
C LEU B 443 -26.59 -11.96 15.48
N GLU B 444 -27.59 -11.10 15.34
CA GLU B 444 -27.55 -9.76 15.88
C GLU B 444 -28.43 -9.66 17.12
N GLU B 445 -28.38 -8.51 17.79
CA GLU B 445 -29.31 -8.18 18.88
C GLU B 445 -29.20 -9.13 20.07
N GLY B 446 -28.01 -9.71 20.25
CA GLY B 446 -27.78 -10.61 21.36
C GLY B 446 -28.49 -11.94 21.24
N LYS B 447 -29.06 -12.20 20.06
CA LYS B 447 -29.87 -13.40 19.85
C LYS B 447 -29.09 -14.70 20.00
N GLY B 448 -27.78 -14.66 19.86
CA GLY B 448 -26.96 -15.83 20.16
C GLY B 448 -27.20 -16.38 21.57
N ASP B 449 -27.59 -15.51 22.48
CA ASP B 449 -27.87 -15.89 23.87
C ASP B 449 -29.14 -16.71 24.02
N LEU B 450 -29.96 -16.76 22.98
CA LEU B 450 -31.15 -17.62 23.01
C LEU B 450 -30.81 -19.10 22.88
N GLU B 451 -29.57 -19.41 22.52
CA GLU B 451 -29.06 -20.78 22.47
C GLU B 451 -29.80 -21.67 21.47
N GLU B 452 -30.32 -21.06 20.40
CA GLU B 452 -31.04 -21.79 19.37
C GLU B 452 -30.10 -22.20 18.24
N TYR B 453 -28.88 -21.66 18.27
CA TYR B 453 -27.92 -21.87 17.20
C TYR B 453 -26.57 -22.41 17.70
N GLY B 454 -26.56 -23.05 18.86
CA GLY B 454 -25.33 -23.61 19.40
C GLY B 454 -24.31 -22.57 19.82
N GLN B 455 -23.04 -22.97 19.89
CA GLN B 455 -22.00 -22.10 20.42
C GLN B 455 -21.52 -20.99 19.47
N ASP B 456 -21.10 -19.87 20.06
CA ASP B 456 -20.43 -18.81 19.32
C ASP B 456 -19.09 -19.31 18.80
N LEU B 457 -18.85 -19.11 17.49
CA LEU B 457 -17.64 -19.57 16.81
C LEU B 457 -16.46 -18.60 16.98
N LEU B 458 -16.74 -17.38 17.41
CA LEU B 458 -15.67 -16.45 17.81
C LEU B 458 -14.97 -16.91 19.10
N HIS B 459 -13.67 -16.66 19.17
CA HIS B 459 -12.90 -16.92 20.39
C HIS B 459 -12.27 -15.64 20.92
N THR B 460 -12.13 -15.54 22.23
CA THR B 460 -11.40 -14.41 22.78
C THR B 460 -9.92 -14.52 22.42
N VAL B 461 -9.40 -13.51 21.71
CA VAL B 461 -8.00 -13.50 21.28
C VAL B 461 -7.14 -12.47 22.01
N PHE B 462 -7.77 -11.48 22.64
CA PHE B 462 -7.06 -10.45 23.36
C PHE B 462 -7.91 -10.04 24.53
N LYS B 463 -7.28 -9.90 25.69
CA LYS B 463 -8.01 -9.40 26.85
C LYS B 463 -7.03 -8.75 27.81
N ASN B 464 -7.28 -7.48 28.08
CA ASN B 464 -6.57 -6.73 29.10
C ASN B 464 -5.05 -6.77 28.94
N GLY B 465 -4.60 -6.59 27.70
CA GLY B 465 -3.16 -6.49 27.42
C GLY B 465 -2.49 -7.80 27.02
N LYS B 466 -3.24 -8.91 27.06
CA LYS B 466 -2.67 -10.21 26.77
C LYS B 466 -3.31 -10.83 25.54
N VAL B 467 -2.48 -11.48 24.72
CA VAL B 467 -3.00 -12.31 23.63
C VAL B 467 -3.39 -13.66 24.24
N THR B 468 -4.64 -14.04 24.04
CA THR B 468 -5.21 -15.14 24.79
C THR B 468 -5.45 -16.38 23.97
N LYS B 469 -5.37 -16.23 22.65
CA LYS B 469 -5.49 -17.37 21.74
C LYS B 469 -4.79 -17.02 20.44
N SER B 470 -4.10 -17.99 19.85
CA SER B 470 -3.25 -17.72 18.69
C SER B 470 -3.11 -18.99 17.85
N TYR B 471 -2.55 -18.83 16.65
CA TYR B 471 -2.52 -19.88 15.64
C TYR B 471 -1.16 -19.91 14.95
N SER B 472 -0.63 -21.10 14.68
CA SER B 472 0.60 -21.22 13.89
C SER B 472 0.27 -21.02 12.42
N PHE B 473 1.30 -20.74 11.63
CA PHE B 473 1.10 -20.50 10.23
C PHE B 473 0.68 -21.80 9.55
N ASP B 474 1.12 -22.93 10.11
CA ASP B 474 0.73 -24.22 9.58
C ASP B 474 -0.79 -24.42 9.74
N GLU B 475 -1.34 -24.03 10.88
CA GLU B 475 -2.79 -24.18 11.05
C GLU B 475 -3.59 -23.23 10.16
N ILE B 476 -3.05 -22.03 9.97
CA ILE B 476 -3.69 -21.03 9.12
C ILE B 476 -3.79 -21.55 7.69
N ARG B 477 -2.70 -22.18 7.23
CA ARG B 477 -2.69 -22.77 5.89
C ARG B 477 -3.73 -23.86 5.77
N LYS B 478 -3.84 -24.68 6.81
CA LYS B 478 -4.81 -25.78 6.80
C LYS B 478 -6.22 -25.23 6.67
N ASN B 479 -6.53 -24.19 7.44
CA ASN B 479 -7.85 -23.59 7.43
C ASN B 479 -8.19 -22.97 6.10
N ALA B 480 -7.16 -22.49 5.39
CA ALA B 480 -7.34 -21.77 4.13
C ALA B 480 -7.35 -22.64 2.87
N GLN B 481 -7.24 -23.95 3.03
CA GLN B 481 -7.20 -24.87 1.90
C GLN B 481 -8.43 -24.79 0.98
N LEU B 482 -8.22 -25.05 -0.29
CA LEU B 482 -9.33 -25.09 -1.23
C LEU B 482 -10.17 -26.34 -1.02
N ASN B 483 -11.45 -26.26 -1.38
CA ASN B 483 -12.30 -27.45 -1.35
C ASN B 483 -11.68 -28.57 -2.19
N ILE B 484 -11.30 -28.23 -3.41
CA ILE B 484 -10.71 -29.22 -4.32
C ILE B 484 -9.49 -29.93 -3.71
N GLU B 485 -8.69 -29.21 -2.93
CA GLU B 485 -7.56 -29.80 -2.21
C GLU B 485 -8.02 -30.76 -1.12
N LEU B 486 -8.95 -30.30 -0.28
CA LEU B 486 -9.47 -31.11 0.82
C LEU B 486 -10.02 -32.46 0.37
OAA DGB C . -14.61 15.44 8.95
OAB DGB C . -13.70 24.52 2.88
CAC DGB C . -12.71 14.11 9.33
CAD DGB C . -13.32 12.98 8.91
CAE DGB C . -10.72 28.36 3.80
CAF DGB C . -12.04 28.52 4.18
CAG DGB C . -10.24 27.10 3.48
CAH DGB C . -10.55 10.50 9.28
CAI DGB C . -11.07 9.41 8.73
CAJ DGB C . -11.24 11.65 9.37
CAK DGB C . -12.90 27.44 4.21
CAL DGB C . -11.10 26.01 3.52
CAM DGB C . -13.11 10.60 8.28
CAN DGB C . -12.48 18.77 8.38
CAO DGB C . -13.25 20.10 8.17
CAP DGB C . -13.23 17.89 9.39
CAQ DGB C . -12.37 21.28 7.67
CAR DGB C . -12.45 23.76 7.09
CAS DGB C . -13.70 22.09 5.71
CAT DGB C . -13.26 24.89 6.43
CAU DGB C . -14.56 23.22 5.11
NAV DGB C . -12.35 9.44 8.22
NAW DGB C . -12.69 16.53 9.47
CAX DGB C . -13.42 15.40 9.27
CAY DGB C . -13.33 24.98 3.94
CAZ DGB C . -12.55 11.72 8.88
CBA DGB C . -12.43 26.17 3.90
CBB DGB C . -13.24 22.43 7.12
NBC DGB C . -13.71 24.42 5.11
P PO4 D . 10.12 -2.68 -14.20
O1 PO4 D . 10.65 -3.63 -13.13
O2 PO4 D . 8.64 -2.82 -14.37
O3 PO4 D . 10.44 -1.27 -13.76
O4 PO4 D . 10.79 -2.93 -15.53
P PO4 E . -16.75 7.34 9.83
O1 PO4 E . -16.39 8.73 10.20
O2 PO4 E . -17.88 6.74 10.66
O3 PO4 E . -17.11 7.36 8.34
O4 PO4 E . -15.57 6.41 10.08
C1 EDO F . -12.19 7.39 1.46
O1 EDO F . -11.85 6.02 1.59
C2 EDO F . -13.13 7.56 0.29
O2 EDO F . -14.29 6.77 0.49
C1 EDO G . -20.34 6.21 -3.35
O1 EDO G . -20.12 5.73 -2.01
C2 EDO G . -19.06 6.80 -3.92
O2 EDO G . -18.07 5.78 -4.13
C1 EDO H . 6.13 0.20 -13.94
O1 EDO H . 5.26 0.07 -15.08
C2 EDO H . 7.53 0.61 -14.36
O2 EDO H . 8.17 -0.39 -15.19
C1 EDO I . 11.82 24.13 -9.71
O1 EDO I . 12.19 23.74 -11.03
C2 EDO I . 11.50 22.91 -8.87
O2 EDO I . 10.22 22.31 -9.21
C1 EDO J . -11.97 39.15 -5.38
O1 EDO J . -12.19 38.82 -6.76
C2 EDO J . -11.17 38.07 -4.68
O2 EDO J . -9.75 38.25 -4.87
OAA DGB K . 11.97 -15.39 -12.59
OAB DGB K . 5.68 -24.22 -13.47
CAC DGB K . 11.86 -14.13 -10.62
CAD DGB K . 11.78 -12.93 -11.22
CAE DGB K . 5.78 -28.27 -10.62
CAF DGB K . 6.33 -28.37 -11.88
CAG DGB K . 5.49 -27.03 -10.08
CAH DGB K . 11.40 -10.67 -8.28
CAI DGB K . 11.02 -9.53 -8.82
CAJ DGB K . 11.65 -11.77 -8.99
CAK DGB K . 6.59 -27.24 -12.62
CAL DGB K . 5.75 -25.88 -10.80
CAM DGB K . 11.15 -10.52 -10.99
CAN DGB K . 10.80 -18.79 -10.70
CAO DGB K . 10.76 -20.07 -11.56
CAP DGB K . 11.89 -17.86 -11.28
CAQ DGB K . 9.97 -21.23 -10.93
CAR DGB K . 9.38 -23.69 -11.27
CAS DGB K . 8.44 -21.93 -12.80
CAT DGB K . 8.98 -24.78 -12.28
CAU DGB K . 8.04 -23.03 -13.78
NAV DGB K . 10.89 -9.42 -10.19
NAW DGB K . 11.89 -16.54 -10.65
CAX DGB K . 11.94 -15.39 -11.36
CAY DGB K . 6.59 -24.75 -12.87
CAZ DGB K . 11.57 -11.74 -10.39
CBA DGB K . 6.31 -25.97 -12.07
CBB DGB K . 9.65 -22.33 -11.96
NBC DGB K . 7.82 -24.24 -12.99
P PO4 L . -16.15 2.87 6.39
O1 PO4 L . -17.57 3.15 6.81
O2 PO4 L . -16.07 3.01 4.89
O3 PO4 L . -15.19 3.85 7.07
O4 PO4 L . -15.76 1.47 6.84
P PO4 M . 13.55 -7.29 -14.18
O1 PO4 M . 13.46 -6.40 -12.95
O2 PO4 M . 12.25 -7.22 -14.99
O3 PO4 M . 14.71 -6.72 -14.98
O4 PO4 M . 13.73 -8.68 -13.74
C1 EDO N . -15.02 -0.16 2.97
O1 EDO N . -15.58 -0.08 1.65
C2 EDO N . -16.14 -0.29 4.00
O2 EDO N . -16.85 0.95 4.20
C1 EDO O . 18.51 -2.46 -18.56
O1 EDO O . 19.85 -2.51 -19.00
C2 EDO O . 18.32 -3.54 -17.51
O2 EDO O . 18.71 -3.10 -16.20
C1 EDO P . 0.67 -5.42 -20.26
O1 EDO P . 0.82 -5.73 -18.87
C2 EDO P . 1.95 -5.80 -21.00
O2 EDO P . 3.10 -5.33 -20.28
C1 EDO Q . 12.38 -25.03 -3.29
O1 EDO Q . 11.15 -24.46 -3.74
C2 EDO Q . 13.44 -23.96 -3.45
O2 EDO Q . 12.90 -23.03 -4.39
C1 EDO R . 4.18 -7.22 -12.38
O1 EDO R . 3.26 -8.18 -11.84
C2 EDO R . 4.66 -6.24 -11.31
O2 EDO R . 3.61 -5.37 -10.93
C1 EDO S . -16.04 -16.58 23.04
O1 EDO S . -16.30 -17.98 23.14
C2 EDO S . -17.07 -15.92 22.13
O2 EDO S . -18.31 -15.74 22.83
#